data_4ZBC
#
_entry.id   4ZBC
#
_cell.length_a   81.629
_cell.length_b   93.641
_cell.length_c   97.640
_cell.angle_alpha   90.00
_cell.angle_beta   90.00
_cell.angle_gamma   90.00
#
_symmetry.space_group_name_H-M   'P 21 21 2'
#
loop_
_entity.id
_entity.type
_entity.pdbx_description
1 polymer 'Xylose isomerase'
2 non-polymer 'MANGANESE (II) ION'
3 non-polymer alpha-D-glucopyranose
4 non-polymer beta-D-fructofuranose
5 water water
#
_entity_poly.entity_id   1
_entity_poly.type   'polypeptide(L)'
_entity_poly.pdbx_seq_one_letter_code
;MNYQPTPEDRFTFGLWTVGWQGRDPFGDATRRALDPVESVRRLAELGAHGVTFHDDDLIPFGSSDSEREEHVKRFRQALD
DTGMKVPMATTNLFTHPVFKDGGFTANDRDVRRYALRKTIRNIDLAVELGAETYVAWGGREGAESGGAKDVRDALDRMKE
AFDLLGEYVTSQGYDIRFAIEPKPNEPRGDILLPTVGHALAFIERLERPELYGVNPEVGHEQMAGLNFPHGIAQALWAGK
LFHIDLNGQNGIKYDQDLRFGAGDLRAAFWLVDLLESAGYSGPRHFDFKPPRTEDFDGVWASAAGCMRNYLILKERAAAF
RADPEVQEALRASRLDELARPTAADGLQALLDDRSAFEEFDVDAAAARGMAFERLDQLAMDHLLGARG
;
_entity_poly.pdbx_strand_id   A,B
#
# COMPACT_ATOMS: atom_id res chain seq x y z
N ASN A 2 2.70 6.39 39.02
CA ASN A 2 3.44 6.72 37.75
C ASN A 2 2.57 6.36 36.54
N TYR A 3 2.78 7.07 35.41
CA TYR A 3 2.15 6.77 34.12
C TYR A 3 0.62 6.83 34.17
N GLN A 4 0.11 7.78 34.93
CA GLN A 4 -1.34 7.95 35.09
C GLN A 4 -1.80 8.87 33.97
N PRO A 5 -2.72 8.39 33.12
CA PRO A 5 -3.12 9.24 32.04
C PRO A 5 -4.07 10.35 32.49
N THR A 6 -3.99 11.47 31.76
CA THR A 6 -4.94 12.60 31.98
C THR A 6 -5.45 13.12 30.65
N PRO A 7 -6.52 13.93 30.67
CA PRO A 7 -6.99 14.51 29.41
C PRO A 7 -5.97 15.21 28.51
N GLU A 8 -4.86 15.72 29.07
CA GLU A 8 -3.82 16.38 28.31
C GLU A 8 -3.21 15.37 27.32
N ASP A 9 -3.29 14.06 27.60
CA ASP A 9 -2.65 13.04 26.72
C ASP A 9 -3.51 12.72 25.50
N ARG A 10 -4.74 13.27 25.50
CA ARG A 10 -5.66 13.22 24.39
C ARG A 10 -6.03 11.78 24.03
N PHE A 11 -6.14 10.88 25.01
CA PHE A 11 -6.57 9.50 24.75
C PHE A 11 -8.10 9.41 24.56
N THR A 12 -8.49 8.73 23.49
CA THR A 12 -9.88 8.50 23.16
C THR A 12 -10.10 7.04 22.86
N PHE A 13 -11.36 6.65 23.00
CA PHE A 13 -11.85 5.32 22.82
C PHE A 13 -13.16 5.26 22.04
N GLY A 14 -13.28 4.32 21.11
CA GLY A 14 -14.55 4.01 20.49
C GLY A 14 -15.52 3.39 21.51
N LEU A 15 -16.78 3.75 21.44
CA LEU A 15 -17.80 3.07 22.26
C LEU A 15 -17.79 1.56 22.07
N TRP A 16 -17.52 1.15 20.85
CA TRP A 16 -17.46 -0.27 20.42
C TRP A 16 -16.25 -1.02 20.92
N THR A 17 -15.30 -0.33 21.59
CA THR A 17 -14.01 -0.94 22.03
C THR A 17 -14.25 -1.63 23.37
N VAL A 18 -14.37 -0.80 24.42
CA VAL A 18 -14.78 -1.25 25.73
C VAL A 18 -16.17 -1.87 25.73
N GLY A 19 -17.04 -1.46 24.82
CA GLY A 19 -18.35 -2.09 24.66
C GLY A 19 -18.44 -3.38 23.88
N TRP A 20 -17.36 -3.91 23.34
CA TRP A 20 -17.43 -5.10 22.56
C TRP A 20 -17.87 -6.27 23.43
N GLN A 21 -18.94 -6.93 23.05
CA GLN A 21 -19.52 -7.95 23.94
C GLN A 21 -18.85 -9.34 23.86
N GLY A 22 -17.95 -9.52 22.90
CA GLY A 22 -17.07 -10.68 22.86
C GLY A 22 -17.51 -11.71 21.81
N ARG A 23 -18.44 -11.36 20.93
CA ARG A 23 -18.85 -12.22 19.80
C ARG A 23 -17.77 -12.27 18.75
N ASP A 24 -17.29 -13.45 18.40
CA ASP A 24 -16.32 -13.58 17.35
C ASP A 24 -16.92 -14.54 16.31
N PRO A 25 -16.17 -14.89 15.23
CA PRO A 25 -16.84 -15.78 14.25
C PRO A 25 -17.22 -17.18 14.81
N PHE A 26 -16.63 -17.59 15.93
CA PHE A 26 -16.79 -18.96 16.46
C PHE A 26 -17.41 -19.00 17.85
N GLY A 27 -18.02 -17.91 18.29
CA GLY A 27 -18.36 -17.72 19.70
C GLY A 27 -19.37 -16.64 19.99
N ASP A 28 -20.20 -16.92 20.99
CA ASP A 28 -21.17 -15.96 21.43
C ASP A 28 -20.57 -14.94 22.37
N ALA A 29 -21.38 -13.90 22.61
CA ALA A 29 -20.97 -12.84 23.49
C ALA A 29 -20.66 -13.39 24.89
N THR A 30 -19.58 -12.92 25.50
CA THR A 30 -19.26 -13.23 26.87
C THR A 30 -19.55 -12.12 27.86
N ARG A 31 -19.95 -10.94 27.40
CA ARG A 31 -20.20 -9.80 28.24
C ARG A 31 -21.51 -9.13 27.83
N ARG A 32 -22.22 -8.58 28.79
CA ARG A 32 -23.46 -7.82 28.53
C ARG A 32 -23.13 -6.53 27.78
N ALA A 33 -24.15 -5.96 27.13
CA ALA A 33 -24.00 -4.70 26.40
C ALA A 33 -23.74 -3.61 27.43
N LEU A 34 -22.87 -2.67 27.11
CA LEU A 34 -22.65 -1.51 27.97
C LEU A 34 -23.49 -0.35 27.56
N ASP A 35 -23.97 0.42 28.53
CA ASP A 35 -24.73 1.63 28.21
C ASP A 35 -23.67 2.67 27.84
N PRO A 36 -23.86 3.38 26.71
CA PRO A 36 -22.84 4.37 26.34
C PRO A 36 -22.49 5.39 27.42
N VAL A 37 -23.47 5.72 28.26
CA VAL A 37 -23.31 6.67 29.38
C VAL A 37 -22.34 6.11 30.40
N GLU A 38 -22.49 4.83 30.70
CA GLU A 38 -21.53 4.13 31.56
C GLU A 38 -20.11 4.15 31.01
N SER A 39 -19.99 3.94 29.71
CA SER A 39 -18.67 3.97 29.08
C SER A 39 -18.03 5.37 29.15
N VAL A 40 -18.83 6.40 28.96
CA VAL A 40 -18.33 7.78 29.02
C VAL A 40 -17.80 8.09 30.46
N ARG A 41 -18.59 7.72 31.47
CA ARG A 41 -18.20 7.98 32.88
C ARG A 41 -17.00 7.16 33.28
N ARG A 42 -16.97 5.87 32.93
CA ARG A 42 -15.85 5.02 33.36
C ARG A 42 -14.54 5.49 32.69
N LEU A 43 -14.60 5.76 31.41
CA LEU A 43 -13.42 6.23 30.69
C LEU A 43 -12.92 7.58 31.22
N ALA A 44 -13.85 8.46 31.57
CA ALA A 44 -13.48 9.73 32.13
C ALA A 44 -12.71 9.52 33.45
N GLU A 45 -13.14 8.57 34.26
CA GLU A 45 -12.52 8.27 35.54
C GLU A 45 -11.10 7.73 35.34
N LEU A 46 -10.89 6.98 34.25
CA LEU A 46 -9.55 6.43 33.90
C LEU A 46 -8.61 7.45 33.30
N GLY A 47 -9.09 8.65 33.01
CA GLY A 47 -8.21 9.74 32.48
C GLY A 47 -8.31 9.97 30.97
N ALA A 48 -9.36 9.42 30.29
CA ALA A 48 -9.61 9.64 28.89
C ALA A 48 -9.98 11.12 28.64
N HIS A 49 -9.69 11.57 27.42
CA HIS A 49 -10.03 12.85 26.91
C HIS A 49 -11.39 12.86 26.25
N GLY A 50 -11.73 11.72 25.64
CA GLY A 50 -13.02 11.64 24.97
C GLY A 50 -13.33 10.30 24.35
N VAL A 51 -14.43 10.28 23.61
CA VAL A 51 -14.96 9.06 22.99
C VAL A 51 -15.31 9.29 21.53
N THR A 52 -15.44 8.19 20.81
CA THR A 52 -15.87 8.18 19.39
C THR A 52 -16.99 7.13 19.21
N PHE A 53 -17.73 7.22 18.10
CA PHE A 53 -18.86 6.36 17.89
C PHE A 53 -19.14 6.18 16.40
N HIS A 54 -19.62 4.96 16.08
CA HIS A 54 -20.46 4.70 14.92
C HIS A 54 -21.87 5.16 15.25
N ASP A 55 -22.55 5.70 14.26
CA ASP A 55 -24.03 5.97 14.39
C ASP A 55 -24.76 4.90 15.18
N ASP A 56 -24.56 3.66 14.79
CA ASP A 56 -25.30 2.54 15.37
C ASP A 56 -24.82 2.06 16.73
N ASP A 57 -23.64 2.49 17.18
CA ASP A 57 -23.26 2.32 18.60
C ASP A 57 -24.10 3.21 19.54
N LEU A 58 -24.40 4.43 19.10
CA LEU A 58 -25.02 5.41 19.96
C LEU A 58 -26.54 5.28 19.83
N ILE A 59 -27.01 5.09 18.58
CA ILE A 59 -28.42 4.93 18.30
C ILE A 59 -28.68 3.56 17.67
N PRO A 60 -29.35 2.63 18.39
CA PRO A 60 -29.76 1.34 17.79
C PRO A 60 -30.33 1.50 16.38
N PHE A 61 -29.83 0.70 15.44
CA PHE A 61 -30.38 0.70 14.09
C PHE A 61 -31.93 0.61 14.11
N GLY A 62 -32.62 1.45 13.37
CA GLY A 62 -34.07 1.37 13.32
C GLY A 62 -34.82 2.13 14.40
N SER A 63 -34.12 2.82 15.30
CA SER A 63 -34.77 3.71 16.28
C SER A 63 -35.65 4.76 15.62
N SER A 64 -36.80 5.10 16.20
CA SER A 64 -37.60 6.23 15.69
C SER A 64 -36.92 7.53 16.00
N ASP A 65 -37.31 8.60 15.31
CA ASP A 65 -36.79 9.93 15.57
C ASP A 65 -36.77 10.31 17.05
N SER A 66 -37.82 9.91 17.77
CA SER A 66 -37.94 10.29 19.16
C SER A 66 -37.02 9.47 20.06
N GLU A 67 -36.86 8.17 19.80
CA GLU A 67 -35.90 7.36 20.58
C GLU A 67 -34.45 7.84 20.33
N ARG A 68 -34.19 8.18 19.09
CA ARG A 68 -32.92 8.71 18.67
C ARG A 68 -32.58 9.99 19.41
N GLU A 69 -33.52 10.91 19.49
CA GLU A 69 -33.33 12.13 20.29
C GLU A 69 -32.93 11.78 21.73
N GLU A 70 -33.64 10.81 22.29
CA GLU A 70 -33.45 10.42 23.69
C GLU A 70 -32.04 9.79 23.93
N HIS A 71 -31.62 8.87 23.06
CA HIS A 71 -30.25 8.28 23.11
C HIS A 71 -29.18 9.36 23.07
N VAL A 72 -29.36 10.32 22.19
CA VAL A 72 -28.40 11.43 21.97
C VAL A 72 -28.35 12.36 23.17
N LYS A 73 -29.53 12.73 23.67
CA LYS A 73 -29.67 13.56 24.86
C LYS A 73 -29.00 12.97 26.08
N ARG A 74 -29.25 11.69 26.40
CA ARG A 74 -28.60 11.02 27.52
C ARG A 74 -27.04 11.06 27.38
N PHE A 75 -26.58 10.74 26.18
CA PHE A 75 -25.13 10.72 25.88
C PHE A 75 -24.56 12.13 26.07
N ARG A 76 -25.18 13.14 25.48
CA ARG A 76 -24.75 14.53 25.68
C ARG A 76 -24.66 14.94 27.09
N GLN A 77 -25.64 14.52 27.87
CA GLN A 77 -25.65 14.79 29.32
C GLN A 77 -24.40 14.23 30.00
N ALA A 78 -24.08 12.97 29.70
CA ALA A 78 -22.88 12.32 30.22
C ALA A 78 -21.59 13.06 29.80
N LEU A 79 -21.53 13.45 28.54
CA LEU A 79 -20.38 14.25 28.04
C LEU A 79 -20.19 15.58 28.84
N ASP A 80 -21.30 16.23 29.04
CA ASP A 80 -21.36 17.45 29.84
C ASP A 80 -20.99 17.30 31.28
N ASP A 81 -21.52 16.32 31.98
CA ASP A 81 -21.10 16.03 33.34
C ASP A 81 -19.64 15.67 33.45
N THR A 82 -19.10 14.95 32.49
CA THR A 82 -17.74 14.50 32.63
C THR A 82 -16.76 15.42 31.94
N GLY A 83 -17.20 16.36 31.11
CA GLY A 83 -16.21 17.05 30.22
C GLY A 83 -15.53 16.27 29.05
N MET A 84 -15.99 15.05 28.84
CA MET A 84 -15.55 14.26 27.74
C MET A 84 -15.95 14.88 26.41
N LYS A 85 -15.05 14.76 25.44
CA LYS A 85 -15.32 15.22 24.11
C LYS A 85 -15.55 14.08 23.16
N VAL A 86 -16.04 14.45 21.98
CA VAL A 86 -16.28 13.55 20.85
C VAL A 86 -15.46 14.11 19.66
N PRO A 87 -14.18 13.71 19.55
CA PRO A 87 -13.38 14.28 18.44
C PRO A 87 -13.60 13.65 17.10
N MET A 88 -14.18 12.47 17.07
CA MET A 88 -14.34 11.74 15.82
C MET A 88 -15.62 10.95 15.86
N ALA A 89 -16.16 10.73 14.68
CA ALA A 89 -17.33 9.90 14.50
C ALA A 89 -17.27 9.21 13.17
N THR A 90 -18.11 8.19 13.03
CA THR A 90 -18.02 7.31 11.88
C THR A 90 -19.33 6.63 11.66
N THR A 91 -19.45 5.93 10.53
CA THR A 91 -20.68 5.28 10.11
C THR A 91 -20.50 3.77 10.21
N ASN A 92 -21.50 3.06 10.73
CA ASN A 92 -21.60 1.61 10.54
C ASN A 92 -22.18 1.27 9.14
N LEU A 93 -21.27 1.01 8.19
CA LEU A 93 -21.63 0.53 6.85
C LEU A 93 -21.16 -0.95 6.66
N PHE A 94 -21.28 -1.76 7.71
CA PHE A 94 -20.75 -3.12 7.65
C PHE A 94 -21.58 -4.19 8.38
N THR A 95 -22.35 -3.83 9.43
CA THR A 95 -23.10 -4.83 10.21
C THR A 95 -24.41 -5.32 9.55
N HIS A 96 -25.28 -4.39 9.12
CA HIS A 96 -26.55 -4.75 8.55
C HIS A 96 -26.31 -5.61 7.28
N PRO A 97 -27.06 -6.70 7.15
CA PRO A 97 -26.93 -7.54 5.94
C PRO A 97 -27.07 -6.80 4.60
N VAL A 98 -27.73 -5.65 4.57
CA VAL A 98 -27.84 -4.88 3.32
C VAL A 98 -26.48 -4.48 2.73
N PHE A 99 -25.52 -4.30 3.63
CA PHE A 99 -24.14 -3.96 3.27
C PHE A 99 -23.24 -5.18 2.96
N LYS A 100 -23.81 -6.35 2.71
CA LYS A 100 -23.01 -7.55 2.54
C LYS A 100 -22.01 -7.48 1.36
N ASP A 101 -22.32 -6.68 0.33
CA ASP A 101 -21.38 -6.46 -0.78
C ASP A 101 -20.80 -5.06 -0.75
N GLY A 102 -20.90 -4.36 0.37
CA GLY A 102 -20.42 -2.98 0.46
C GLY A 102 -21.49 -1.95 0.73
N GLY A 103 -21.06 -0.77 1.09
CA GLY A 103 -21.89 0.42 1.17
C GLY A 103 -21.61 1.21 -0.09
N PHE A 104 -20.58 2.07 -0.04
CA PHE A 104 -20.26 2.92 -1.22
C PHE A 104 -19.96 2.18 -2.52
N THR A 105 -19.52 0.93 -2.43
CA THR A 105 -19.16 0.14 -3.67
C THR A 105 -19.94 -1.16 -3.77
N ALA A 106 -21.09 -1.24 -3.11
CA ALA A 106 -22.06 -2.30 -3.40
C ALA A 106 -22.35 -2.37 -4.87
N ASN A 107 -22.52 -3.56 -5.43
CA ASN A 107 -22.90 -3.62 -6.86
C ASN A 107 -24.30 -3.04 -7.08
N ASP A 108 -25.13 -3.15 -6.09
CA ASP A 108 -26.48 -2.60 -6.16
C ASP A 108 -26.47 -1.07 -5.90
N ARG A 109 -26.97 -0.34 -6.87
CA ARG A 109 -26.95 1.11 -6.80
C ARG A 109 -27.80 1.65 -5.67
N ASP A 110 -28.95 1.02 -5.41
CA ASP A 110 -29.85 1.50 -4.35
C ASP A 110 -29.14 1.39 -2.96
N VAL A 111 -28.35 0.34 -2.76
CA VAL A 111 -27.55 0.22 -1.56
C VAL A 111 -26.49 1.34 -1.43
N ARG A 112 -25.84 1.67 -2.53
CA ARG A 112 -24.83 2.71 -2.48
C ARG A 112 -25.43 4.09 -2.10
N ARG A 113 -26.59 4.40 -2.66
CA ARG A 113 -27.32 5.60 -2.27
C ARG A 113 -27.72 5.64 -0.78
N TYR A 114 -28.20 4.51 -0.29
CA TYR A 114 -28.56 4.35 1.08
C TYR A 114 -27.35 4.53 1.97
N ALA A 115 -26.23 3.92 1.60
CA ALA A 115 -24.97 4.13 2.28
C ALA A 115 -24.60 5.61 2.47
N LEU A 116 -24.68 6.36 1.37
CA LEU A 116 -24.46 7.79 1.45
C LEU A 116 -25.46 8.54 2.35
N ARG A 117 -26.75 8.25 2.24
CA ARG A 117 -27.76 8.93 3.12
C ARG A 117 -27.53 8.64 4.61
N LYS A 118 -27.19 7.38 4.92
CA LYS A 118 -26.87 7.00 6.30
C LYS A 118 -25.63 7.75 6.81
N THR A 119 -24.62 7.82 5.95
CA THR A 119 -23.44 8.52 6.29
C THR A 119 -23.74 10.02 6.55
N ILE A 120 -24.42 10.67 5.63
CA ILE A 120 -24.68 12.09 5.72
C ILE A 120 -25.49 12.41 6.98
N ARG A 121 -26.49 11.60 7.28
CA ARG A 121 -27.24 11.85 8.52
C ARG A 121 -26.34 11.86 9.74
N ASN A 122 -25.36 10.94 9.78
CA ASN A 122 -24.49 10.91 10.93
C ASN A 122 -23.38 11.95 10.93
N ILE A 123 -22.98 12.40 9.75
CA ILE A 123 -22.10 13.55 9.68
C ILE A 123 -22.78 14.76 10.38
N ASP A 124 -24.07 15.02 10.12
CA ASP A 124 -24.77 16.12 10.84
C ASP A 124 -24.71 15.97 12.34
N LEU A 125 -24.94 14.74 12.84
CA LEU A 125 -24.81 14.45 14.28
C LEU A 125 -23.37 14.65 14.81
N ALA A 126 -22.37 14.18 14.05
CA ALA A 126 -20.98 14.33 14.43
C ALA A 126 -20.63 15.82 14.70
N VAL A 127 -21.04 16.64 13.72
CA VAL A 127 -20.81 18.08 13.77
C VAL A 127 -21.47 18.68 15.01
N GLU A 128 -22.73 18.35 15.24
CA GLU A 128 -23.45 18.80 16.46
C GLU A 128 -22.69 18.45 17.77
N LEU A 129 -22.09 17.27 17.80
CA LEU A 129 -21.32 16.80 18.93
C LEU A 129 -19.92 17.34 18.97
N GLY A 130 -19.53 18.07 17.96
CA GLY A 130 -18.23 18.75 17.97
C GLY A 130 -17.11 17.96 17.36
N ALA A 131 -17.43 16.97 16.54
CA ALA A 131 -16.40 16.08 15.94
C ALA A 131 -15.66 16.80 14.85
N GLU A 132 -14.35 16.71 14.86
CA GLU A 132 -13.51 17.35 13.80
C GLU A 132 -13.08 16.41 12.69
N THR A 133 -13.14 15.08 12.92
CA THR A 133 -12.81 14.08 11.96
C THR A 133 -13.93 13.10 11.80
N TYR A 134 -14.17 12.72 10.56
CA TYR A 134 -15.21 11.76 10.26
C TYR A 134 -14.49 10.60 9.57
N VAL A 135 -14.50 9.41 10.20
CA VAL A 135 -13.75 8.29 9.69
C VAL A 135 -14.62 7.48 8.74
N ALA A 136 -14.01 7.00 7.67
CA ALA A 136 -14.68 6.01 6.76
C ALA A 136 -13.82 4.76 6.78
N TRP A 137 -14.36 3.61 7.22
CA TRP A 137 -13.71 2.29 7.11
C TRP A 137 -14.58 1.44 6.23
N GLY A 138 -14.10 1.16 5.00
CA GLY A 138 -14.88 0.40 4.00
C GLY A 138 -14.61 -1.07 4.14
N GLY A 139 -14.99 -1.57 5.29
CA GLY A 139 -14.84 -2.98 5.68
C GLY A 139 -15.53 -4.00 4.82
N ARG A 140 -16.62 -3.60 4.17
CA ARG A 140 -17.34 -4.45 3.23
C ARG A 140 -17.02 -4.23 1.76
N GLU A 141 -16.09 -3.32 1.45
CA GLU A 141 -15.84 -2.92 0.07
C GLU A 141 -14.72 -3.84 -0.39
N GLY A 142 -15.02 -4.72 -1.31
CA GLY A 142 -14.07 -5.72 -1.78
C GLY A 142 -14.78 -6.93 -2.36
N ALA A 143 -14.15 -8.09 -2.21
CA ALA A 143 -14.55 -9.27 -2.88
C ALA A 143 -13.86 -10.47 -2.26
N GLU A 144 -14.52 -11.61 -2.44
CA GLU A 144 -13.98 -12.96 -2.17
C GLU A 144 -13.57 -13.64 -3.47
N SER A 145 -14.10 -13.21 -4.62
CA SER A 145 -13.76 -13.83 -5.93
C SER A 145 -13.49 -12.75 -6.99
N GLY A 146 -12.73 -13.11 -8.01
CA GLY A 146 -12.25 -12.09 -8.91
C GLY A 146 -13.25 -11.43 -9.83
N GLY A 147 -14.28 -12.13 -10.23
CA GLY A 147 -15.26 -11.55 -11.13
C GLY A 147 -16.43 -10.81 -10.52
N ALA A 148 -16.53 -10.86 -9.18
CA ALA A 148 -17.58 -10.16 -8.42
C ALA A 148 -17.51 -8.65 -8.40
N LYS A 149 -16.30 -8.10 -8.56
CA LYS A 149 -16.07 -6.70 -8.33
C LYS A 149 -15.05 -6.23 -9.35
N ASP A 150 -15.49 -5.35 -10.25
CA ASP A 150 -14.59 -4.68 -11.16
C ASP A 150 -14.04 -3.53 -10.26
N VAL A 151 -12.76 -3.58 -9.99
CA VAL A 151 -12.16 -2.69 -9.04
C VAL A 151 -12.00 -1.27 -9.61
N ARG A 152 -11.80 -1.11 -10.91
CA ARG A 152 -11.86 0.23 -11.50
C ARG A 152 -13.23 0.86 -11.35
N ASP A 153 -14.32 0.13 -11.65
CA ASP A 153 -15.65 0.63 -11.32
C ASP A 153 -15.84 0.90 -9.84
N ALA A 154 -15.37 0.00 -9.00
CA ALA A 154 -15.52 0.17 -7.54
C ALA A 154 -14.86 1.48 -7.09
N LEU A 155 -13.66 1.73 -7.61
CA LEU A 155 -12.95 3.00 -7.32
C LEU A 155 -13.66 4.25 -7.88
N ASP A 156 -14.25 4.16 -9.05
CA ASP A 156 -15.13 5.24 -9.53
C ASP A 156 -16.26 5.52 -8.54
N ARG A 157 -16.91 4.48 -8.04
CA ARG A 157 -18.01 4.61 -7.11
C ARG A 157 -17.53 5.10 -5.74
N MET A 158 -16.34 4.65 -5.31
CA MET A 158 -15.72 5.15 -4.07
C MET A 158 -15.40 6.65 -4.23
N LYS A 159 -14.77 7.04 -5.34
CA LYS A 159 -14.53 8.44 -5.61
C LYS A 159 -15.82 9.23 -5.63
N GLU A 160 -16.81 8.72 -6.34
CA GLU A 160 -18.07 9.44 -6.43
C GLU A 160 -18.65 9.67 -5.02
N ALA A 161 -18.63 8.64 -4.18
CA ALA A 161 -19.18 8.75 -2.87
C ALA A 161 -18.42 9.84 -2.02
N PHE A 162 -17.09 9.76 -1.97
CA PHE A 162 -16.31 10.72 -1.20
C PHE A 162 -16.46 12.16 -1.75
N ASP A 163 -16.59 12.26 -3.07
CA ASP A 163 -16.77 13.57 -3.71
C ASP A 163 -18.13 14.20 -3.30
N LEU A 164 -19.15 13.37 -3.25
CA LEU A 164 -20.46 13.80 -2.79
C LEU A 164 -20.44 14.22 -1.30
N LEU A 165 -19.75 13.45 -0.49
CA LEU A 165 -19.54 13.83 0.90
C LEU A 165 -18.77 15.15 1.05
N GLY A 166 -17.71 15.31 0.27
CA GLY A 166 -17.04 16.57 0.16
C GLY A 166 -17.97 17.74 -0.20
N GLU A 167 -18.75 17.57 -1.23
CA GLU A 167 -19.70 18.60 -1.62
C GLU A 167 -20.72 18.91 -0.48
N TYR A 168 -21.17 17.89 0.23
CA TYR A 168 -22.09 18.03 1.32
C TYR A 168 -21.49 18.86 2.44
N VAL A 169 -20.30 18.51 2.87
CA VAL A 169 -19.76 19.21 4.05
C VAL A 169 -19.42 20.68 3.64
N THR A 170 -18.95 20.87 2.41
CA THR A 170 -18.65 22.17 1.81
C THR A 170 -19.89 23.03 1.70
N SER A 171 -20.97 22.49 1.17
CA SER A 171 -22.26 23.18 1.11
C SER A 171 -22.82 23.59 2.46
N GLN A 172 -22.57 22.80 3.51
CA GLN A 172 -23.13 23.11 4.82
C GLN A 172 -22.24 24.05 5.66
N GLY A 173 -21.05 24.36 5.17
CA GLY A 173 -20.04 25.14 5.91
C GLY A 173 -19.39 24.40 7.07
N TYR A 174 -19.46 23.07 7.07
CA TYR A 174 -18.82 22.27 8.15
C TYR A 174 -17.29 22.24 8.08
N ASP A 175 -16.71 22.32 9.26
CA ASP A 175 -15.33 22.09 9.61
C ASP A 175 -15.25 20.61 10.16
N ILE A 176 -15.23 19.71 9.22
CA ILE A 176 -15.09 18.32 9.55
C ILE A 176 -14.21 17.83 8.35
N ARG A 177 -13.25 16.99 8.62
CA ARG A 177 -12.43 16.39 7.60
C ARG A 177 -12.64 14.86 7.61
N PHE A 178 -12.48 14.24 6.46
CA PHE A 178 -12.65 12.80 6.36
C PHE A 178 -11.32 12.10 6.55
N ALA A 179 -11.32 10.98 7.21
CA ALA A 179 -10.09 10.20 7.33
C ALA A 179 -10.42 8.78 6.93
N ILE A 180 -9.80 8.30 5.84
CA ILE A 180 -10.02 6.92 5.34
C ILE A 180 -9.13 5.96 6.11
N GLU A 181 -9.73 4.91 6.68
CA GLU A 181 -9.07 3.91 7.45
C GLU A 181 -8.81 2.66 6.63
N PRO A 182 -7.56 2.39 6.27
CA PRO A 182 -7.31 1.20 5.52
C PRO A 182 -7.39 -0.10 6.32
N LYS A 183 -7.72 -1.19 5.65
CA LYS A 183 -7.56 -2.55 6.20
C LYS A 183 -7.42 -3.49 5.00
N PRO A 184 -6.54 -4.52 5.06
CA PRO A 184 -6.23 -5.21 3.82
C PRO A 184 -7.25 -6.32 3.45
N ASN A 185 -7.85 -6.92 4.47
CA ASN A 185 -8.80 -7.95 4.30
C ASN A 185 -9.55 -8.03 5.62
N GLU A 186 -10.65 -8.76 5.59
CA GLU A 186 -11.45 -9.11 6.74
C GLU A 186 -12.42 -7.99 7.13
N PRO A 187 -13.72 -8.17 6.87
CA PRO A 187 -14.38 -9.42 6.64
C PRO A 187 -14.51 -9.75 5.15
N ARG A 188 -14.09 -8.89 4.21
CA ARG A 188 -13.97 -9.33 2.79
C ARG A 188 -12.63 -10.03 2.51
N GLY A 189 -12.61 -10.90 1.53
CA GLY A 189 -11.34 -11.61 1.16
C GLY A 189 -10.22 -10.68 0.86
N ASP A 190 -10.52 -9.61 0.10
CA ASP A 190 -9.65 -8.51 -0.08
C ASP A 190 -10.50 -7.25 -0.02
N ILE A 191 -10.02 -6.26 0.74
CA ILE A 191 -10.72 -4.96 0.93
C ILE A 191 -10.04 -3.99 0.01
N LEU A 192 -10.85 -3.14 -0.59
CA LEU A 192 -10.35 -2.01 -1.39
C LEU A 192 -9.62 -0.94 -0.54
N LEU A 193 -8.67 -0.23 -1.16
CA LEU A 193 -7.74 0.65 -0.42
C LEU A 193 -7.10 -0.07 0.76
N PRO A 194 -6.36 -1.16 0.50
CA PRO A 194 -5.98 -2.10 1.56
C PRO A 194 -4.93 -1.58 2.51
N THR A 195 -4.22 -0.50 2.19
CA THR A 195 -3.14 0.02 3.00
C THR A 195 -3.12 1.55 2.99
N VAL A 196 -2.31 2.14 3.89
CA VAL A 196 -2.14 3.56 3.93
C VAL A 196 -1.82 4.13 2.54
N GLY A 197 -0.89 3.48 1.86
CA GLY A 197 -0.45 3.91 0.50
C GLY A 197 -1.61 4.04 -0.49
N HIS A 198 -2.44 3.00 -0.52
CA HIS A 198 -3.56 2.93 -1.48
C HIS A 198 -4.60 4.02 -1.17
N ALA A 199 -4.86 4.24 0.11
CA ALA A 199 -5.74 5.35 0.53
C ALA A 199 -5.16 6.75 0.24
N LEU A 200 -3.88 6.96 0.53
CA LEU A 200 -3.22 8.25 0.15
C LEU A 200 -3.26 8.50 -1.38
N ALA A 201 -3.03 7.46 -2.16
CA ALA A 201 -3.05 7.55 -3.60
C ALA A 201 -4.42 7.93 -4.13
N PHE A 202 -5.42 7.22 -3.62
CA PHE A 202 -6.80 7.48 -3.97
C PHE A 202 -7.25 8.89 -3.69
N ILE A 203 -6.93 9.36 -2.48
CA ILE A 203 -7.30 10.70 -2.04
C ILE A 203 -6.84 11.76 -3.06
N GLU A 204 -5.70 11.57 -3.67
CA GLU A 204 -5.22 12.55 -4.65
C GLU A 204 -6.08 12.66 -5.93
N ARG A 205 -7.01 11.74 -6.14
CA ARG A 205 -7.88 11.76 -7.30
C ARG A 205 -9.26 12.31 -6.99
N LEU A 206 -9.47 12.67 -5.74
CA LEU A 206 -10.75 13.27 -5.31
C LEU A 206 -10.79 14.74 -5.77
N GLU A 207 -12.01 15.25 -5.89
CA GLU A 207 -12.20 16.58 -6.40
C GLU A 207 -11.65 17.62 -5.43
N ARG A 208 -11.70 17.37 -4.11
CA ARG A 208 -11.25 18.33 -3.09
C ARG A 208 -10.29 17.62 -2.15
N PRO A 209 -9.11 17.25 -2.64
CA PRO A 209 -8.30 16.31 -1.86
C PRO A 209 -7.88 16.80 -0.50
N GLU A 210 -7.88 18.12 -0.30
CA GLU A 210 -7.53 18.69 0.97
C GLU A 210 -8.48 18.30 2.12
N LEU A 211 -9.68 17.83 1.80
CA LEU A 211 -10.63 17.48 2.84
C LEU A 211 -10.48 16.07 3.42
N TYR A 212 -9.51 15.34 2.90
CA TYR A 212 -9.35 13.94 3.14
C TYR A 212 -7.91 13.54 3.51
N GLY A 213 -7.82 12.63 4.47
CA GLY A 213 -6.60 12.11 5.00
C GLY A 213 -6.84 10.69 5.40
N VAL A 214 -5.89 10.12 6.13
CA VAL A 214 -5.99 8.73 6.57
C VAL A 214 -6.18 8.67 8.08
N ASN A 215 -6.84 7.59 8.50
CA ASN A 215 -6.90 7.16 9.85
C ASN A 215 -6.25 5.73 9.90
N PRO A 216 -4.91 5.63 9.89
CA PRO A 216 -4.27 4.31 9.94
C PRO A 216 -4.42 3.60 11.26
N GLU A 217 -4.44 2.29 11.20
CA GLU A 217 -4.57 1.47 12.40
C GLU A 217 -3.35 0.59 12.47
N VAL A 218 -2.74 0.56 13.64
CA VAL A 218 -1.54 -0.28 13.91
C VAL A 218 -1.70 -1.68 13.32
N GLY A 219 -2.73 -2.39 13.79
CA GLY A 219 -2.88 -3.77 13.42
C GLY A 219 -3.20 -4.00 11.96
N HIS A 220 -3.91 -3.08 11.33
CA HIS A 220 -4.29 -3.26 9.91
C HIS A 220 -3.11 -3.25 8.98
N GLU A 221 -2.20 -2.30 9.15
CA GLU A 221 -0.98 -2.32 8.29
C GLU A 221 -0.15 -3.58 8.63
N GLN A 222 -0.16 -3.99 9.88
CA GLN A 222 0.55 -5.19 10.27
C GLN A 222 -0.07 -6.48 9.70
N MET A 223 -1.37 -6.46 9.43
CA MET A 223 -2.01 -7.61 8.73
C MET A 223 -1.55 -7.79 7.25
N ALA A 224 -0.90 -6.79 6.67
CA ALA A 224 -0.19 -6.87 5.42
C ALA A 224 1.36 -6.99 5.59
N GLY A 225 1.78 -7.20 6.82
CA GLY A 225 3.18 -7.29 7.19
C GLY A 225 4.00 -6.05 6.97
N LEU A 226 3.34 -4.92 7.02
CA LEU A 226 3.98 -3.65 6.71
C LEU A 226 4.49 -3.02 8.01
N ASN A 227 5.45 -2.13 7.84
CA ASN A 227 6.06 -1.38 8.96
C ASN A 227 5.12 -0.17 9.29
N PHE A 228 4.42 -0.28 10.42
CA PHE A 228 3.43 0.73 10.73
C PHE A 228 4.06 2.16 10.92
N PRO A 229 5.18 2.28 11.67
CA PRO A 229 5.78 3.60 11.74
C PRO A 229 6.24 4.14 10.39
N HIS A 230 6.68 3.31 9.47
CA HIS A 230 7.00 3.82 8.13
C HIS A 230 5.82 4.40 7.41
N GLY A 231 4.67 3.70 7.50
CA GLY A 231 3.44 4.14 6.86
C GLY A 231 2.92 5.43 7.47
N ILE A 232 3.05 5.57 8.82
CA ILE A 232 2.67 6.83 9.50
C ILE A 232 3.60 7.96 9.02
N ALA A 233 4.86 7.66 8.89
CA ALA A 233 5.78 8.65 8.34
C ALA A 233 5.41 9.14 6.96
N GLN A 234 5.01 8.23 6.06
CA GLN A 234 4.55 8.63 4.79
C GLN A 234 3.30 9.51 4.88
N ALA A 235 2.33 9.12 5.71
CA ALA A 235 1.13 9.89 5.91
C ALA A 235 1.48 11.32 6.45
N LEU A 236 2.40 11.39 7.41
CA LEU A 236 2.86 12.70 7.92
C LEU A 236 3.61 13.53 6.84
N TRP A 237 4.43 12.88 6.03
CA TRP A 237 5.12 13.54 4.92
C TRP A 237 4.14 14.20 3.92
N ALA A 238 3.03 13.52 3.65
CA ALA A 238 1.98 14.03 2.81
C ALA A 238 0.99 15.04 3.47
N GLY A 239 1.10 15.27 4.76
CA GLY A 239 0.20 16.17 5.43
C GLY A 239 -1.15 15.54 5.68
N LYS A 240 -1.22 14.22 5.73
CA LYS A 240 -2.52 13.53 5.75
C LYS A 240 -2.84 12.70 7.02
N LEU A 241 -2.11 12.86 8.11
CA LEU A 241 -2.35 12.05 9.27
C LEU A 241 -3.38 12.78 10.09
N PHE A 242 -4.64 12.58 9.77
CA PHE A 242 -5.70 13.29 10.46
C PHE A 242 -6.12 12.65 11.75
N HIS A 243 -5.94 11.35 11.88
CA HIS A 243 -6.40 10.66 13.05
C HIS A 243 -5.57 9.37 13.05
N ILE A 244 -5.64 8.62 14.13
CA ILE A 244 -4.92 7.35 14.19
C ILE A 244 -5.65 6.40 15.13
N ASP A 245 -5.61 5.10 14.83
CA ASP A 245 -6.15 4.05 15.70
C ASP A 245 -4.95 3.25 16.26
N LEU A 246 -4.86 3.20 17.57
CA LEU A 246 -3.77 2.58 18.26
C LEU A 246 -4.25 1.27 18.84
N ASN A 247 -3.47 0.21 18.65
CA ASN A 247 -3.83 -1.13 19.25
C ASN A 247 -2.61 -2.05 19.03
N GLY A 248 -2.78 -3.36 19.22
CA GLY A 248 -1.71 -4.32 19.01
C GLY A 248 -2.14 -5.49 18.15
N GLN A 249 -1.16 -6.13 17.54
CA GLN A 249 -1.41 -7.17 16.64
C GLN A 249 -0.20 -8.03 16.60
N ASN A 250 -0.39 -9.34 16.62
CA ASN A 250 0.76 -10.25 16.48
C ASN A 250 0.87 -10.83 15.12
N GLY A 251 1.43 -10.07 14.21
CA GLY A 251 1.66 -10.48 12.83
C GLY A 251 0.49 -10.61 11.90
N ILE A 252 0.68 -11.48 10.91
CA ILE A 252 -0.25 -11.59 9.82
C ILE A 252 -1.30 -12.67 10.12
N LYS A 253 -2.49 -12.25 10.47
CA LYS A 253 -3.56 -13.13 10.88
C LYS A 253 -4.81 -12.27 10.94
N TYR A 254 -5.90 -12.83 11.40
CA TYR A 254 -7.14 -12.04 11.67
C TYR A 254 -6.81 -10.77 12.43
N ASP A 255 -7.71 -9.77 12.36
CA ASP A 255 -7.51 -8.51 13.10
C ASP A 255 -7.73 -8.72 14.59
N GLN A 256 -6.67 -8.56 15.39
CA GLN A 256 -6.74 -8.98 16.79
C GLN A 256 -7.25 -7.90 17.69
N ASP A 257 -6.90 -6.66 17.37
CA ASP A 257 -7.36 -5.52 18.13
C ASP A 257 -6.96 -5.63 19.61
N LEU A 258 -5.72 -6.02 19.82
CA LEU A 258 -5.19 -6.10 21.17
C LEU A 258 -5.01 -4.68 21.74
N ARG A 259 -4.99 -4.54 23.07
CA ARG A 259 -4.64 -3.24 23.66
C ARG A 259 -3.28 -2.73 23.13
N PHE A 260 -3.14 -1.42 23.07
CA PHE A 260 -1.90 -0.86 22.60
C PHE A 260 -0.73 -1.20 23.54
N GLY A 261 0.39 -1.48 22.94
CA GLY A 261 1.61 -1.98 23.59
C GLY A 261 1.78 -3.47 23.42
N ALA A 262 0.66 -4.18 23.49
CA ALA A 262 0.69 -5.61 23.11
C ALA A 262 0.92 -5.77 21.60
N GLY A 263 1.21 -6.97 21.17
CA GLY A 263 1.58 -7.16 19.81
C GLY A 263 3.04 -6.79 19.64
N ASP A 264 3.32 -5.97 18.62
CA ASP A 264 4.70 -5.65 18.24
C ASP A 264 5.12 -4.47 19.12
N LEU A 265 5.73 -4.79 20.24
CA LEU A 265 6.09 -3.75 21.21
C LEU A 265 7.11 -2.76 20.68
N ARG A 266 8.16 -3.23 19.97
CA ARG A 266 9.11 -2.34 19.37
C ARG A 266 8.51 -1.41 18.34
N ALA A 267 7.58 -1.88 17.50
CA ALA A 267 6.91 -1.01 16.56
C ALA A 267 6.04 0.02 17.32
N ALA A 268 5.46 -0.36 18.45
CA ALA A 268 4.77 0.62 19.31
C ALA A 268 5.73 1.73 19.78
N PHE A 269 6.93 1.34 20.20
CA PHE A 269 7.97 2.28 20.63
C PHE A 269 8.32 3.31 19.51
N TRP A 270 8.63 2.81 18.31
CA TRP A 270 9.04 3.63 17.19
C TRP A 270 7.87 4.50 16.72
N LEU A 271 6.66 3.96 16.91
CA LEU A 271 5.47 4.73 16.61
C LEU A 271 5.32 5.93 17.54
N VAL A 272 5.44 5.68 18.85
CA VAL A 272 5.29 6.78 19.81
C VAL A 272 6.39 7.84 19.55
N ASP A 273 7.57 7.35 19.32
CA ASP A 273 8.70 8.21 19.01
C ASP A 273 8.45 9.16 17.86
N LEU A 274 7.90 8.59 16.78
CA LEU A 274 7.64 9.34 15.57
C LEU A 274 6.49 10.35 15.84
N LEU A 275 5.40 9.91 16.45
CA LEU A 275 4.25 10.83 16.71
C LEU A 275 4.64 12.01 17.61
N GLU A 276 5.45 11.73 18.61
CA GLU A 276 5.88 12.74 19.53
C GLU A 276 6.92 13.59 18.84
N SER A 277 7.89 13.01 18.14
CA SER A 277 8.84 13.82 17.40
C SER A 277 8.21 14.73 16.40
N ALA A 278 7.20 14.22 15.68
CA ALA A 278 6.54 15.00 14.68
C ALA A 278 5.55 16.03 15.22
N GLY A 279 5.23 15.98 16.50
CA GLY A 279 4.27 16.86 17.08
C GLY A 279 2.84 16.55 16.60
N TYR A 280 2.53 15.28 16.26
CA TYR A 280 1.15 14.89 15.92
C TYR A 280 0.24 15.46 16.98
N SER A 281 -0.77 16.22 16.59
CA SER A 281 -1.64 16.87 17.62
C SER A 281 -3.04 16.34 17.69
N GLY A 282 -3.33 15.32 16.89
CA GLY A 282 -4.62 14.69 16.93
C GLY A 282 -4.82 13.76 18.11
N PRO A 283 -6.03 13.15 18.20
CA PRO A 283 -6.33 12.21 19.25
C PRO A 283 -5.43 10.98 19.20
N ARG A 284 -5.10 10.49 20.40
CA ARG A 284 -4.50 9.16 20.55
C ARG A 284 -5.62 8.20 20.85
N HIS A 285 -6.20 7.71 19.75
CA HIS A 285 -7.45 6.95 19.78
C HIS A 285 -7.15 5.46 19.79
N PHE A 286 -7.81 4.74 20.72
CA PHE A 286 -7.65 3.32 20.87
C PHE A 286 -8.81 2.61 20.21
N ASP A 287 -8.45 1.82 19.20
CA ASP A 287 -9.40 0.90 18.57
C ASP A 287 -8.96 -0.49 18.95
N PHE A 288 -9.48 -0.98 20.09
CA PHE A 288 -9.09 -2.28 20.60
C PHE A 288 -10.28 -3.00 21.16
N LYS A 289 -10.10 -4.27 21.51
CA LYS A 289 -11.15 -5.07 22.03
C LYS A 289 -10.56 -5.81 23.18
N PRO A 290 -11.06 -5.55 24.38
CA PRO A 290 -10.67 -6.43 25.52
C PRO A 290 -11.04 -7.87 25.15
N PRO A 291 -10.06 -8.81 25.20
CA PRO A 291 -10.34 -10.17 24.84
C PRO A 291 -11.57 -10.71 25.57
N ARG A 292 -12.27 -11.62 24.91
CA ARG A 292 -13.58 -12.11 25.43
C ARG A 292 -13.42 -13.02 26.66
N THR A 293 -12.17 -13.37 26.97
CA THR A 293 -11.83 -13.98 28.23
C THR A 293 -12.17 -13.11 29.48
N GLU A 294 -12.29 -11.80 29.24
CA GLU A 294 -12.27 -10.87 30.36
C GLU A 294 -13.68 -10.56 30.83
N ASP A 295 -13.83 -10.32 32.13
CA ASP A 295 -15.07 -9.69 32.66
C ASP A 295 -14.92 -8.16 32.60
N PHE A 296 -15.88 -7.40 33.14
CA PHE A 296 -15.75 -5.94 33.07
C PHE A 296 -14.54 -5.35 33.78
N ASP A 297 -14.13 -5.95 34.87
CA ASP A 297 -12.87 -5.47 35.48
C ASP A 297 -11.67 -5.56 34.53
N GLY A 298 -11.64 -6.61 33.75
CA GLY A 298 -10.61 -6.81 32.77
C GLY A 298 -10.75 -5.89 31.56
N VAL A 299 -12.00 -5.60 31.17
CA VAL A 299 -12.25 -4.57 30.19
C VAL A 299 -11.57 -3.25 30.61
N TRP A 300 -11.80 -2.83 31.87
CA TRP A 300 -11.24 -1.55 32.30
C TRP A 300 -9.72 -1.57 32.49
N ALA A 301 -9.21 -2.69 32.98
CA ALA A 301 -7.77 -2.89 33.02
C ALA A 301 -7.13 -2.81 31.63
N SER A 302 -7.73 -3.45 30.64
CA SER A 302 -7.21 -3.44 29.31
C SER A 302 -7.24 -2.00 28.75
N ALA A 303 -8.37 -1.30 28.92
CA ALA A 303 -8.45 0.13 28.52
C ALA A 303 -7.34 0.94 29.21
N ALA A 304 -7.20 0.77 30.51
CA ALA A 304 -6.15 1.50 31.27
C ALA A 304 -4.77 1.16 30.75
N GLY A 305 -4.55 -0.12 30.41
CA GLY A 305 -3.21 -0.55 29.90
C GLY A 305 -2.89 0.07 28.55
N CYS A 306 -3.89 0.28 27.67
CA CYS A 306 -3.68 1.08 26.45
C CYS A 306 -2.92 2.37 26.74
N MET A 307 -3.45 3.12 27.66
CA MET A 307 -2.98 4.49 27.98
C MET A 307 -1.65 4.40 28.73
N ARG A 308 -1.53 3.42 29.65
CA ARG A 308 -0.31 3.26 30.39
C ARG A 308 0.85 2.97 29.47
N ASN A 309 0.64 2.09 28.51
CA ASN A 309 1.72 1.73 27.61
C ASN A 309 2.11 2.87 26.72
N TYR A 310 1.15 3.68 26.29
CA TYR A 310 1.54 4.82 25.50
C TYR A 310 2.47 5.70 26.33
N LEU A 311 2.11 5.97 27.58
CA LEU A 311 2.94 6.86 28.43
C LEU A 311 4.33 6.30 28.74
N ILE A 312 4.43 5.00 29.00
CA ILE A 312 5.75 4.43 29.27
C ILE A 312 6.63 4.60 28.02
N LEU A 313 6.06 4.23 26.89
CA LEU A 313 6.75 4.38 25.61
C LEU A 313 7.19 5.82 25.30
N LYS A 314 6.28 6.76 25.52
CA LYS A 314 6.58 8.17 25.39
C LYS A 314 7.78 8.55 26.22
N GLU A 315 7.76 8.18 27.52
CA GLU A 315 8.90 8.46 28.40
C GLU A 315 10.20 7.88 27.81
N ARG A 316 10.19 6.62 27.37
CA ARG A 316 11.42 5.97 26.88
C ARG A 316 11.91 6.58 25.59
N ALA A 317 10.97 6.92 24.71
CA ALA A 317 11.32 7.56 23.44
C ALA A 317 11.89 8.98 23.65
N ALA A 318 11.33 9.73 24.60
CA ALA A 318 11.87 11.05 24.96
C ALA A 318 13.28 10.90 25.55
N ALA A 319 13.48 9.92 26.42
CA ALA A 319 14.76 9.65 27.04
C ALA A 319 15.76 9.24 25.98
N PHE A 320 15.35 8.43 25.00
CA PHE A 320 16.22 8.06 23.91
C PHE A 320 16.68 9.28 23.09
N ARG A 321 15.73 10.10 22.66
CA ARG A 321 16.05 11.28 21.83
C ARG A 321 16.86 12.33 22.58
N ALA A 322 16.67 12.44 23.89
CA ALA A 322 17.39 13.41 24.72
C ALA A 322 18.78 12.96 25.17
N ASP A 323 19.11 11.67 25.03
CA ASP A 323 20.36 11.15 25.53
C ASP A 323 21.50 11.62 24.61
N PRO A 324 22.49 12.37 25.16
CA PRO A 324 23.57 12.79 24.28
C PRO A 324 24.32 11.64 23.65
N GLU A 325 24.35 10.48 24.30
CA GLU A 325 24.99 9.35 23.69
C GLU A 325 24.21 8.82 22.45
N VAL A 326 22.87 8.93 22.49
CA VAL A 326 22.08 8.61 21.31
C VAL A 326 22.31 9.65 20.22
N GLN A 327 22.36 10.93 20.60
CA GLN A 327 22.61 11.96 19.62
C GLN A 327 23.97 11.75 18.94
N GLU A 328 25.01 11.34 19.67
CA GLU A 328 26.28 11.00 19.00
C GLU A 328 26.12 9.79 18.06
N ALA A 329 25.38 8.81 18.52
CA ALA A 329 25.13 7.62 17.68
C ALA A 329 24.36 7.99 16.40
N LEU A 330 23.41 8.91 16.50
CA LEU A 330 22.67 9.40 15.34
C LEU A 330 23.63 10.07 14.31
N ARG A 331 24.54 10.88 14.80
CA ARG A 331 25.61 11.40 13.95
C ARG A 331 26.49 10.37 13.41
N ALA A 332 26.88 9.41 14.19
CA ALA A 332 27.79 8.33 13.68
C ALA A 332 27.16 7.55 12.52
N SER A 333 25.82 7.43 12.58
CA SER A 333 25.01 6.74 11.57
C SER A 333 24.54 7.67 10.45
N ARG A 334 24.92 8.92 10.55
CA ARG A 334 24.65 9.94 9.53
C ARG A 334 23.17 10.23 9.31
N LEU A 335 22.36 10.13 10.37
CA LEU A 335 20.94 10.60 10.27
C LEU A 335 20.85 12.09 9.95
N ASP A 336 21.83 12.84 10.44
CA ASP A 336 21.87 14.26 10.16
C ASP A 336 22.15 14.54 8.67
N GLU A 337 22.95 13.69 8.04
CA GLU A 337 23.30 13.84 6.64
C GLU A 337 22.13 13.48 5.75
N LEU A 338 21.30 12.55 6.21
CA LEU A 338 20.03 12.21 5.53
C LEU A 338 19.12 13.42 5.38
N ALA A 339 19.19 14.36 6.32
CA ALA A 339 18.32 15.49 6.33
C ALA A 339 18.84 16.62 5.50
N ARG A 340 19.97 16.46 4.84
CA ARG A 340 20.51 17.50 4.00
C ARG A 340 20.07 17.27 2.50
N PRO A 341 19.74 18.33 1.76
CA PRO A 341 19.40 18.08 0.34
C PRO A 341 20.53 17.45 -0.44
N THR A 342 20.15 16.54 -1.34
CA THR A 342 21.08 15.79 -2.12
C THR A 342 21.79 16.69 -3.12
N ALA A 343 21.04 17.65 -3.67
CA ALA A 343 21.58 18.46 -4.78
C ALA A 343 20.90 19.81 -4.87
N ALA A 344 20.96 20.57 -3.78
CA ALA A 344 20.58 22.00 -3.76
C ALA A 344 21.36 22.85 -4.80
N ASP A 345 22.55 22.41 -5.21
CA ASP A 345 23.31 23.01 -6.22
C ASP A 345 22.65 22.88 -7.61
N GLY A 346 21.68 21.97 -7.75
CA GLY A 346 20.94 21.81 -9.00
C GLY A 346 21.55 20.77 -9.92
N LEU A 347 20.76 20.43 -10.94
CA LEU A 347 21.08 19.37 -11.87
C LEU A 347 22.43 19.58 -12.59
N GLN A 348 22.62 20.76 -13.20
CA GLN A 348 23.85 21.00 -13.97
C GLN A 348 25.10 20.89 -13.10
N ALA A 349 25.05 21.50 -11.91
CA ALA A 349 26.13 21.38 -10.93
C ALA A 349 26.44 19.90 -10.59
N LEU A 350 25.38 19.12 -10.34
CA LEU A 350 25.51 17.69 -10.12
C LEU A 350 26.20 16.97 -11.25
N LEU A 351 25.75 17.24 -12.49
CA LEU A 351 26.37 16.63 -13.68
C LEU A 351 27.82 17.04 -13.85
N ASP A 352 28.17 18.29 -13.44
CA ASP A 352 29.55 18.77 -13.52
C ASP A 352 30.39 18.40 -12.34
N ASP A 353 29.84 17.73 -11.34
CA ASP A 353 30.58 17.41 -10.15
C ASP A 353 31.31 16.11 -10.38
N ARG A 354 32.61 16.19 -10.72
CA ARG A 354 33.39 14.98 -10.95
C ARG A 354 33.53 14.05 -9.73
N SER A 355 33.51 14.63 -8.52
CA SER A 355 33.72 13.83 -7.35
C SER A 355 32.44 12.98 -7.04
N ALA A 356 31.33 13.32 -7.66
CA ALA A 356 30.07 12.53 -7.56
C ALA A 356 30.03 11.33 -8.49
N PHE A 357 31.02 11.19 -9.39
CA PHE A 357 30.95 10.07 -10.34
C PHE A 357 32.32 9.63 -10.86
N GLU A 358 32.91 10.40 -11.76
CA GLU A 358 34.21 10.04 -12.39
C GLU A 358 35.33 9.84 -11.35
N GLU A 359 35.33 10.63 -10.27
CA GLU A 359 36.34 10.54 -9.25
C GLU A 359 35.76 10.09 -7.90
N PHE A 360 34.59 9.43 -7.92
CA PHE A 360 34.01 8.98 -6.64
C PHE A 360 34.72 7.73 -6.25
N ASP A 361 35.28 7.71 -5.06
CA ASP A 361 35.97 6.50 -4.58
C ASP A 361 34.91 5.62 -3.94
N VAL A 362 34.42 4.68 -4.70
CA VAL A 362 33.24 3.92 -4.32
C VAL A 362 33.62 2.94 -3.20
N ASP A 363 34.85 2.41 -3.28
CA ASP A 363 35.32 1.44 -2.28
C ASP A 363 35.49 2.08 -0.91
N ALA A 364 35.98 3.32 -0.85
CA ALA A 364 36.14 4.03 0.43
C ALA A 364 34.76 4.31 1.07
N ALA A 365 33.79 4.71 0.26
CA ALA A 365 32.43 4.94 0.75
C ALA A 365 31.78 3.65 1.25
N ALA A 366 31.96 2.58 0.48
CA ALA A 366 31.47 1.24 0.79
C ALA A 366 31.99 0.74 2.11
N ALA A 367 33.25 1.03 2.41
CA ALA A 367 33.89 0.56 3.64
C ALA A 367 33.35 1.19 4.92
N ARG A 368 32.68 2.33 4.82
CA ARG A 368 32.12 3.01 6.01
C ARG A 368 30.96 2.19 6.63
N GLY A 369 31.09 1.81 7.88
CA GLY A 369 30.03 1.15 8.58
C GLY A 369 28.93 2.13 8.88
N MET A 370 27.69 1.66 8.91
CA MET A 370 26.56 2.57 9.25
C MET A 370 26.35 2.77 10.75
N ALA A 371 26.90 1.89 11.57
CA ALA A 371 26.78 1.93 13.02
C ALA A 371 25.34 1.80 13.48
N PHE A 372 24.48 1.17 12.67
CA PHE A 372 23.07 1.08 13.03
C PHE A 372 22.81 0.14 14.19
N GLU A 373 23.66 -0.88 14.40
CA GLU A 373 23.36 -1.87 15.46
C GLU A 373 23.59 -1.27 16.85
N ARG A 374 24.68 -0.52 16.96
CA ARG A 374 24.92 0.21 18.22
C ARG A 374 23.79 1.23 18.54
N LEU A 375 23.39 1.99 17.55
CA LEU A 375 22.26 2.87 17.63
C LEU A 375 21.03 2.13 18.10
N ASP A 376 20.74 1.05 17.43
CA ASP A 376 19.55 0.25 17.81
C ASP A 376 19.61 -0.42 19.19
N GLN A 377 20.82 -0.72 19.62
CA GLN A 377 20.97 -1.27 20.94
C GLN A 377 20.79 -0.18 22.01
N LEU A 378 21.25 1.06 21.75
CA LEU A 378 20.86 2.18 22.63
C LEU A 378 19.36 2.32 22.71
N ALA A 379 18.68 2.12 21.59
CA ALA A 379 17.21 2.28 21.51
C ALA A 379 16.51 1.18 22.38
N MET A 380 17.07 -0.04 22.28
CA MET A 380 16.62 -1.17 23.07
C MET A 380 16.84 -0.88 24.55
N ASP A 381 18.07 -0.47 24.89
CA ASP A 381 18.40 -0.16 26.29
C ASP A 381 17.44 0.89 26.85
N HIS A 382 17.19 1.94 26.06
CA HIS A 382 16.17 2.91 26.46
C HIS A 382 14.77 2.39 26.63
N LEU A 383 14.30 1.63 25.68
CA LEU A 383 12.99 1.01 25.79
C LEU A 383 12.81 0.20 27.07
N LEU A 384 13.83 -0.58 27.37
CA LEU A 384 13.82 -1.47 28.51
C LEU A 384 14.27 -0.78 29.75
N GLY A 385 14.62 0.50 29.71
CA GLY A 385 15.13 1.21 30.93
C GLY A 385 16.37 0.53 31.48
N ALA A 386 17.24 0.06 30.60
CA ALA A 386 18.51 -0.63 30.93
C ALA A 386 19.69 0.21 30.52
N ARG A 387 19.63 1.48 30.82
CA ARG A 387 20.76 2.26 30.41
C ARG A 387 21.92 2.19 31.38
N GLY A 388 22.91 1.33 31.06
CA GLY A 388 24.05 1.06 31.93
C GLY A 388 25.19 2.02 31.65
N ASN B 2 -0.20 -25.22 -30.38
CA ASN B 2 -1.06 -24.08 -29.90
C ASN B 2 -0.17 -23.28 -28.92
N TYR B 3 -0.62 -22.05 -28.65
CA TYR B 3 0.00 -21.14 -27.65
C TYR B 3 1.48 -20.85 -27.95
N GLN B 4 1.81 -20.73 -29.21
CA GLN B 4 3.13 -20.30 -29.60
C GLN B 4 3.19 -18.78 -29.53
N PRO B 5 4.12 -18.22 -28.74
CA PRO B 5 4.16 -16.79 -28.64
C PRO B 5 4.77 -16.27 -29.93
N THR B 6 4.38 -15.06 -30.28
CA THR B 6 5.04 -14.35 -31.36
C THR B 6 5.45 -12.98 -30.81
N PRO B 7 6.39 -12.33 -31.50
CA PRO B 7 6.78 -11.00 -31.01
C PRO B 7 5.63 -10.01 -30.82
N GLU B 8 4.54 -10.13 -31.57
CA GLU B 8 3.33 -9.26 -31.33
C GLU B 8 2.74 -9.37 -29.95
N ASP B 9 2.96 -10.47 -29.25
CA ASP B 9 2.46 -10.61 -27.89
C ASP B 9 3.18 -9.74 -26.86
N ARG B 10 4.29 -9.09 -27.28
CA ARG B 10 4.99 -8.10 -26.47
C ARG B 10 5.63 -8.70 -25.21
N PHE B 11 6.09 -9.96 -25.29
CA PHE B 11 6.72 -10.61 -24.17
C PHE B 11 8.18 -10.17 -24.10
N THR B 12 8.59 -9.62 -22.96
CA THR B 12 9.99 -9.21 -22.73
C THR B 12 10.55 -9.86 -21.48
N PHE B 13 11.87 -9.87 -21.39
CA PHE B 13 12.59 -10.50 -20.33
C PHE B 13 13.80 -9.67 -19.89
N GLY B 14 14.04 -9.61 -18.61
CA GLY B 14 15.27 -9.01 -18.13
C GLY B 14 16.46 -9.89 -18.48
N LEU B 15 17.60 -9.30 -18.77
CA LEU B 15 18.82 -10.08 -18.92
C LEU B 15 19.13 -10.89 -17.67
N TRP B 16 18.85 -10.30 -16.51
CA TRP B 16 19.14 -10.89 -15.22
C TRP B 16 18.22 -12.07 -14.87
N THR B 17 17.21 -12.34 -15.73
CA THR B 17 16.20 -13.37 -15.46
C THR B 17 16.75 -14.69 -15.87
N VAL B 18 16.75 -14.94 -17.15
CA VAL B 18 17.42 -16.13 -17.71
C VAL B 18 18.94 -16.18 -17.40
N GLY B 19 19.57 -15.01 -17.17
CA GLY B 19 21.01 -14.97 -16.88
C GLY B 19 21.30 -15.26 -15.41
N TRP B 20 20.28 -15.40 -14.55
CA TRP B 20 20.57 -15.66 -13.15
C TRP B 20 21.36 -16.93 -12.98
N GLN B 21 22.52 -16.81 -12.33
CA GLN B 21 23.45 -17.96 -12.19
C GLN B 21 23.10 -18.91 -10.99
N GLY B 22 22.10 -18.57 -10.20
CA GLY B 22 21.60 -19.45 -9.21
C GLY B 22 22.22 -19.22 -7.84
N ARG B 23 23.02 -18.16 -7.67
CA ARG B 23 23.51 -17.76 -6.34
C ARG B 23 22.41 -17.17 -5.47
N ASP B 24 22.21 -17.78 -4.32
CA ASP B 24 21.21 -17.33 -3.40
C ASP B 24 21.93 -17.11 -2.05
N PRO B 25 21.21 -16.68 -1.01
CA PRO B 25 21.99 -16.35 0.20
C PRO B 25 22.67 -17.60 0.83
N PHE B 26 22.27 -18.81 0.47
CA PHE B 26 22.77 -20.02 1.13
C PHE B 26 23.50 -20.86 0.16
N GLY B 27 23.81 -20.36 -1.04
CA GLY B 27 24.36 -21.24 -2.07
C GLY B 27 25.12 -20.59 -3.17
N ASP B 28 26.12 -21.29 -3.70
CA ASP B 28 26.81 -20.77 -4.87
C ASP B 28 26.08 -20.95 -6.20
N ALA B 29 26.60 -20.26 -7.22
CA ALA B 29 26.05 -20.35 -8.57
C ALA B 29 25.95 -21.80 -9.01
N THR B 30 24.87 -22.19 -9.71
CA THR B 30 24.74 -23.55 -10.25
C THR B 30 24.89 -23.53 -11.77
N ARG B 31 24.93 -22.33 -12.36
CA ARG B 31 25.03 -22.15 -13.81
C ARG B 31 26.12 -21.13 -14.15
N ARG B 32 26.78 -21.29 -15.30
CA ARG B 32 27.78 -20.29 -15.76
C ARG B 32 27.08 -19.05 -16.25
N ALA B 33 27.84 -17.95 -16.30
CA ALA B 33 27.35 -16.67 -16.75
C ALA B 33 26.88 -16.83 -18.17
N LEU B 34 25.80 -16.18 -18.50
CA LEU B 34 25.27 -16.22 -19.85
C LEU B 34 25.71 -14.96 -20.57
N ASP B 35 26.21 -15.09 -21.79
CA ASP B 35 26.50 -13.94 -22.60
C ASP B 35 25.19 -13.29 -22.99
N PRO B 36 25.03 -11.95 -22.84
CA PRO B 36 23.74 -11.37 -23.19
C PRO B 36 23.30 -11.60 -24.66
N VAL B 37 24.27 -11.74 -25.58
CA VAL B 37 24.02 -12.13 -26.95
C VAL B 37 23.24 -13.46 -27.05
N GLU B 38 23.67 -14.47 -26.30
CA GLU B 38 23.03 -15.73 -26.30
C GLU B 38 21.60 -15.60 -25.74
N SER B 39 21.41 -14.83 -24.67
CA SER B 39 20.10 -14.58 -24.11
C SER B 39 19.14 -13.95 -25.11
N VAL B 40 19.63 -12.91 -25.78
CA VAL B 40 18.86 -12.24 -26.84
C VAL B 40 18.44 -13.23 -27.94
N ARG B 41 19.40 -13.96 -28.45
CA ARG B 41 19.12 -14.90 -29.53
C ARG B 41 18.16 -16.02 -29.10
N ARG B 42 18.42 -16.65 -27.95
CA ARG B 42 17.58 -17.74 -27.52
C ARG B 42 16.13 -17.23 -27.23
N LEU B 43 15.99 -16.06 -26.62
CA LEU B 43 14.64 -15.57 -26.30
C LEU B 43 13.93 -15.24 -27.60
N ALA B 44 14.61 -14.59 -28.54
CA ALA B 44 13.95 -14.34 -29.85
C ALA B 44 13.42 -15.62 -30.54
N GLU B 45 14.20 -16.69 -30.54
CA GLU B 45 13.79 -17.96 -31.11
C GLU B 45 12.57 -18.51 -30.39
N LEU B 46 12.42 -18.24 -29.11
CA LEU B 46 11.23 -18.67 -28.40
C LEU B 46 10.01 -17.75 -28.60
N GLY B 47 10.18 -16.64 -29.35
CA GLY B 47 9.09 -15.77 -29.71
C GLY B 47 8.92 -14.55 -28.82
N ALA B 48 9.95 -14.17 -28.06
CA ALA B 48 9.97 -12.91 -27.33
C ALA B 48 10.00 -11.71 -28.25
N HIS B 49 9.54 -10.61 -27.71
CA HIS B 49 9.51 -9.27 -28.31
C HIS B 49 10.74 -8.45 -28.04
N GLY B 50 11.31 -8.63 -26.84
CA GLY B 50 12.41 -7.83 -26.40
C GLY B 50 13.02 -8.22 -25.09
N VAL B 51 14.06 -7.47 -24.72
CA VAL B 51 14.79 -7.62 -23.46
C VAL B 51 14.90 -6.29 -22.75
N THR B 52 15.23 -6.36 -21.47
CA THR B 52 15.54 -5.22 -20.63
C THR B 52 16.79 -5.52 -19.85
N PHE B 53 17.35 -4.50 -19.19
CA PHE B 53 18.64 -4.62 -18.54
C PHE B 53 18.79 -3.57 -17.46
N HIS B 54 19.54 -3.93 -16.42
CA HIS B 54 20.26 -3.01 -15.55
C HIS B 54 21.56 -2.68 -16.23
N ASP B 55 22.02 -1.45 -16.06
CA ASP B 55 23.33 -1.05 -16.52
C ASP B 55 24.38 -2.18 -16.25
N ASP B 56 24.42 -2.67 -15.03
CA ASP B 56 25.43 -3.64 -14.64
C ASP B 56 25.28 -5.06 -15.20
N ASP B 57 24.12 -5.42 -15.75
CA ASP B 57 23.92 -6.71 -16.47
C ASP B 57 24.60 -6.67 -17.81
N LEU B 58 24.52 -5.50 -18.44
CA LEU B 58 25.09 -5.28 -19.78
C LEU B 58 26.60 -4.91 -19.75
N ILE B 59 27.00 -4.07 -18.79
CA ILE B 59 28.34 -3.55 -18.67
C ILE B 59 28.73 -3.82 -17.24
N PRO B 60 29.62 -4.79 -17.03
CA PRO B 60 30.02 -5.09 -15.64
C PRO B 60 30.46 -3.82 -14.93
N PHE B 61 30.02 -3.71 -13.69
CA PHE B 61 30.49 -2.65 -12.81
C PHE B 61 31.99 -2.42 -12.94
N GLY B 62 32.38 -1.20 -13.17
CA GLY B 62 33.78 -0.83 -13.22
C GLY B 62 34.46 -0.95 -14.55
N SER B 63 33.72 -1.26 -15.62
CA SER B 63 34.26 -1.41 -16.93
C SER B 63 34.86 -0.13 -17.43
N SER B 64 36.00 -0.23 -18.10
CA SER B 64 36.56 0.92 -18.81
C SER B 64 35.63 1.33 -19.99
N ASP B 65 35.82 2.53 -20.52
CA ASP B 65 35.06 2.98 -21.70
C ASP B 65 35.17 2.02 -22.89
N SER B 66 36.37 1.50 -23.10
CA SER B 66 36.60 0.58 -24.17
C SER B 66 35.88 -0.74 -23.90
N GLU B 67 35.85 -1.22 -22.67
CA GLU B 67 35.07 -2.44 -22.40
C GLU B 67 33.58 -2.21 -22.61
N ARG B 68 33.14 -1.03 -22.17
CA ARG B 68 31.76 -0.59 -22.30
C ARG B 68 31.32 -0.62 -23.76
N GLU B 69 32.11 0.00 -24.61
CA GLU B 69 31.79 0.02 -26.03
C GLU B 69 31.73 -1.38 -26.58
N GLU B 70 32.63 -2.26 -26.17
CA GLU B 70 32.60 -3.60 -26.69
C GLU B 70 31.37 -4.35 -26.25
N HIS B 71 30.98 -4.23 -24.99
CA HIS B 71 29.81 -4.98 -24.53
C HIS B 71 28.51 -4.48 -25.24
N VAL B 72 28.38 -3.17 -25.36
CA VAL B 72 27.23 -2.58 -25.99
C VAL B 72 27.22 -2.97 -27.48
N LYS B 73 28.35 -2.91 -28.19
CA LYS B 73 28.38 -3.29 -29.62
C LYS B 73 27.86 -4.72 -29.84
N ARG B 74 28.36 -5.65 -29.06
CA ARG B 74 27.93 -7.02 -29.18
C ARG B 74 26.41 -7.15 -28.93
N PHE B 75 25.89 -6.43 -27.93
CA PHE B 75 24.48 -6.49 -27.57
C PHE B 75 23.65 -5.84 -28.70
N ARG B 76 24.09 -4.68 -29.18
CA ARG B 76 23.40 -4.07 -30.30
C ARG B 76 23.31 -4.99 -31.56
N GLN B 77 24.37 -5.77 -31.85
CA GLN B 77 24.33 -6.64 -33.02
C GLN B 77 23.29 -7.74 -32.87
N ALA B 78 23.16 -8.26 -31.67
CA ALA B 78 22.22 -9.34 -31.41
C ALA B 78 20.81 -8.80 -31.45
N LEU B 79 20.61 -7.61 -30.91
CA LEU B 79 19.31 -6.92 -31.07
C LEU B 79 18.96 -6.74 -32.56
N ASP B 80 19.94 -6.23 -33.31
CA ASP B 80 19.80 -6.03 -34.75
C ASP B 80 19.41 -7.36 -35.46
N ASP B 81 20.21 -8.39 -35.23
CA ASP B 81 20.08 -9.68 -35.88
C ASP B 81 18.72 -10.36 -35.62
N THR B 82 18.16 -10.11 -34.45
CA THR B 82 16.93 -10.74 -34.02
C THR B 82 15.67 -9.90 -34.17
N GLY B 83 15.81 -8.60 -34.32
CA GLY B 83 14.66 -7.73 -34.27
C GLY B 83 14.11 -7.44 -32.86
N MET B 84 14.84 -7.85 -31.83
CA MET B 84 14.42 -7.70 -30.44
C MET B 84 14.49 -6.27 -29.96
N LYS B 85 13.45 -5.80 -29.26
CA LYS B 85 13.37 -4.42 -28.80
C LYS B 85 13.97 -4.35 -27.41
N VAL B 86 14.26 -3.13 -26.97
CA VAL B 86 14.64 -2.85 -25.58
C VAL B 86 13.63 -1.80 -25.07
N PRO B 87 12.42 -2.23 -24.62
CA PRO B 87 11.37 -1.26 -24.24
C PRO B 87 11.60 -0.56 -22.86
N MET B 88 12.47 -1.14 -22.05
CA MET B 88 12.69 -0.72 -20.69
C MET B 88 14.11 -0.96 -20.24
N ALA B 89 14.61 -0.05 -19.40
CA ALA B 89 15.90 -0.23 -18.74
C ALA B 89 15.92 0.33 -17.35
N THR B 90 16.98 -0.01 -16.60
CA THR B 90 16.98 0.25 -15.16
C THR B 90 18.40 0.27 -14.66
N THR B 91 18.54 0.78 -13.44
CA THR B 91 19.83 0.95 -12.81
C THR B 91 20.00 -0.09 -11.73
N ASN B 92 21.20 -0.69 -11.63
CA ASN B 92 21.54 -1.46 -10.46
C ASN B 92 22.04 -0.55 -9.33
N LEU B 93 21.11 -0.15 -8.44
CA LEU B 93 21.46 0.62 -7.23
C LEU B 93 21.33 -0.23 -5.95
N PHE B 94 21.76 -1.50 -6.04
CA PHE B 94 21.62 -2.45 -4.95
C PHE B 94 22.75 -3.45 -4.76
N THR B 95 23.44 -3.85 -5.81
CA THR B 95 24.42 -4.90 -5.70
C THR B 95 25.66 -4.44 -4.99
N HIS B 96 26.22 -3.32 -5.43
CA HIS B 96 27.54 -2.90 -5.02
C HIS B 96 27.49 -2.49 -3.54
N PRO B 97 28.52 -2.92 -2.73
CA PRO B 97 28.52 -2.57 -1.31
C PRO B 97 28.27 -1.08 -1.02
N VAL B 98 28.70 -0.16 -1.88
CA VAL B 98 28.42 1.24 -1.67
C VAL B 98 26.93 1.55 -1.41
N PHE B 99 26.06 0.77 -1.99
CA PHE B 99 24.60 0.95 -1.89
C PHE B 99 23.97 0.20 -0.71
N LYS B 100 24.77 -0.20 0.28
CA LYS B 100 24.23 -1.00 1.40
C LYS B 100 23.16 -0.30 2.23
N ASP B 101 23.14 1.04 2.28
CA ASP B 101 22.10 1.78 2.96
C ASP B 101 21.19 2.53 1.97
N GLY B 102 21.24 2.17 0.68
CA GLY B 102 20.45 2.80 -0.30
C GLY B 102 21.29 3.51 -1.34
N GLY B 103 20.60 3.93 -2.40
CA GLY B 103 21.14 4.81 -3.44
C GLY B 103 20.57 6.18 -3.16
N PHE B 104 19.36 6.39 -3.64
CA PHE B 104 18.73 7.70 -3.50
C PHE B 104 18.49 8.15 -2.04
N THR B 105 18.32 7.17 -1.12
CA THR B 105 18.03 7.52 0.27
C THR B 105 19.12 7.03 1.24
N ALA B 106 20.33 6.76 0.71
CA ALA B 106 21.48 6.46 1.57
C ALA B 106 21.61 7.64 2.55
N ASN B 107 21.97 7.35 3.78
CA ASN B 107 22.24 8.42 4.74
C ASN B 107 23.40 9.29 4.31
N ASP B 108 24.39 8.72 3.64
CA ASP B 108 25.52 9.53 3.17
C ASP B 108 25.14 10.27 1.88
N ARG B 109 25.43 11.57 1.82
CA ARG B 109 24.97 12.39 0.70
C ARG B 109 25.67 12.06 -0.59
N ASP B 110 26.95 11.78 -0.45
CA ASP B 110 27.82 11.48 -1.58
C ASP B 110 27.33 10.23 -2.33
N VAL B 111 26.79 9.26 -1.58
CA VAL B 111 26.26 8.03 -2.19
C VAL B 111 24.98 8.34 -2.99
N ARG B 112 24.17 9.23 -2.45
CA ARG B 112 22.96 9.66 -3.16
C ARG B 112 23.26 10.34 -4.49
N ARG B 113 24.25 11.23 -4.47
CA ARG B 113 24.68 11.90 -5.68
C ARG B 113 25.26 10.91 -6.69
N TYR B 114 26.05 9.95 -6.19
CA TYR B 114 26.58 8.89 -7.04
C TYR B 114 25.48 8.05 -7.67
N ALA B 115 24.50 7.61 -6.86
CA ALA B 115 23.32 6.91 -7.38
C ALA B 115 22.69 7.71 -8.52
N LEU B 116 22.51 9.02 -8.31
CA LEU B 116 21.90 9.78 -9.37
C LEU B 116 22.73 9.83 -10.64
N ARG B 117 24.03 10.04 -10.48
CA ARG B 117 24.91 10.09 -11.66
C ARG B 117 24.93 8.75 -12.40
N LYS B 118 24.92 7.64 -11.66
CA LYS B 118 24.96 6.30 -12.29
C LYS B 118 23.67 6.06 -13.09
N THR B 119 22.55 6.46 -12.48
CA THR B 119 21.26 6.40 -13.12
C THR B 119 21.25 7.22 -14.41
N ILE B 120 21.72 8.45 -14.31
CA ILE B 120 21.65 9.39 -15.45
C ILE B 120 22.42 8.85 -16.64
N ARG B 121 23.60 8.33 -16.37
CA ARG B 121 24.39 7.75 -17.40
C ARG B 121 23.63 6.63 -18.16
N ASN B 122 22.93 5.76 -17.42
CA ASN B 122 22.14 4.70 -18.01
C ASN B 122 20.84 5.10 -18.69
N ILE B 123 20.25 6.21 -18.25
CA ILE B 123 19.12 6.79 -18.97
C ILE B 123 19.55 7.11 -20.39
N ASP B 124 20.71 7.76 -20.54
CA ASP B 124 21.24 8.01 -21.91
C ASP B 124 21.31 6.73 -22.76
N LEU B 125 21.88 5.70 -22.15
CA LEU B 125 22.04 4.45 -22.87
C LEU B 125 20.69 3.80 -23.21
N ALA B 126 19.74 3.88 -22.27
CA ALA B 126 18.41 3.30 -22.49
C ALA B 126 17.73 3.98 -23.70
N VAL B 127 17.87 5.30 -23.76
CA VAL B 127 17.31 6.10 -24.86
C VAL B 127 18.00 5.72 -26.16
N GLU B 128 19.30 5.57 -26.14
CA GLU B 128 20.01 5.18 -27.35
C GLU B 128 19.47 3.84 -27.90
N LEU B 129 19.13 2.92 -27.01
CA LEU B 129 18.63 1.60 -27.41
C LEU B 129 17.14 1.53 -27.69
N GLY B 130 16.42 2.62 -27.42
CA GLY B 130 15.04 2.72 -27.77
C GLY B 130 14.07 2.43 -26.64
N ALA B 131 14.53 2.48 -25.36
CA ALA B 131 13.61 2.29 -24.24
C ALA B 131 12.57 3.41 -24.11
N GLU B 132 11.33 3.02 -23.82
CA GLU B 132 10.26 3.97 -23.55
C GLU B 132 10.05 4.18 -22.05
N THR B 133 10.46 3.22 -21.22
CA THR B 133 10.28 3.30 -19.80
C THR B 133 11.59 3.06 -19.09
N TYR B 134 11.82 3.82 -18.00
CA TYR B 134 13.00 3.64 -17.14
C TYR B 134 12.53 3.28 -15.74
N VAL B 135 12.85 2.09 -15.28
CA VAL B 135 12.35 1.61 -13.99
C VAL B 135 13.33 1.94 -12.91
N ALA B 136 12.76 2.30 -11.77
CA ALA B 136 13.47 2.45 -10.54
C ALA B 136 12.94 1.46 -9.52
N TRP B 137 13.82 0.59 -8.99
CA TRP B 137 13.48 -0.27 -7.88
C TRP B 137 14.41 0.03 -6.74
N GLY B 138 13.88 0.62 -5.68
CA GLY B 138 14.68 1.07 -4.56
C GLY B 138 14.84 -0.07 -3.55
N GLY B 139 15.44 -1.19 -3.99
CA GLY B 139 15.68 -2.37 -3.16
C GLY B 139 16.46 -2.16 -1.87
N ARG B 140 17.38 -1.20 -1.89
CA ARG B 140 18.14 -0.88 -0.70
C ARG B 140 17.63 0.30 0.12
N GLU B 141 16.50 0.86 -0.26
CA GLU B 141 16.00 2.05 0.40
C GLU B 141 15.11 1.57 1.51
N GLY B 142 15.52 1.82 2.75
CA GLY B 142 14.83 1.24 3.87
C GLY B 142 15.73 1.07 5.07
N ALA B 143 15.41 0.03 5.85
CA ALA B 143 16.01 -0.16 7.15
C ALA B 143 15.78 -1.57 7.71
N GLU B 144 16.72 -2.00 8.57
CA GLU B 144 16.50 -3.14 9.46
C GLU B 144 16.03 -2.73 10.85
N SER B 145 16.30 -1.50 11.27
CA SER B 145 16.07 -1.05 12.62
C SER B 145 15.44 0.35 12.56
N GLY B 146 14.68 0.67 13.58
CA GLY B 146 13.78 1.82 13.54
C GLY B 146 14.47 3.15 13.59
N GLY B 147 15.62 3.24 14.24
CA GLY B 147 16.36 4.54 14.29
C GLY B 147 17.30 4.89 13.12
N ALA B 148 17.51 3.91 12.27
CA ALA B 148 18.46 4.02 11.14
C ALA B 148 18.04 4.97 10.02
N LYS B 149 16.75 5.23 9.94
CA LYS B 149 16.20 5.88 8.77
C LYS B 149 15.05 6.74 9.24
N ASP B 150 15.18 8.04 9.14
CA ASP B 150 14.09 8.93 9.33
C ASP B 150 13.31 8.92 8.03
N VAL B 151 12.11 8.35 8.06
CA VAL B 151 11.42 8.07 6.82
C VAL B 151 10.93 9.36 6.16
N ARG B 152 10.56 10.37 6.94
CA ARG B 152 10.20 11.65 6.33
C ARG B 152 11.39 12.31 5.58
N ASP B 153 12.57 12.30 6.19
CA ASP B 153 13.75 12.81 5.49
C ASP B 153 14.04 11.96 4.29
N ALA B 154 13.88 10.65 4.42
CA ALA B 154 14.19 9.75 3.28
C ALA B 154 13.31 9.97 2.10
N LEU B 155 12.02 10.21 2.37
CA LEU B 155 11.09 10.59 1.34
C LEU B 155 11.38 11.99 0.71
N ASP B 156 11.79 12.96 1.49
CA ASP B 156 12.36 14.22 0.91
C ASP B 156 13.50 13.94 -0.03
N ARG B 157 14.39 13.02 0.37
CA ARG B 157 15.53 12.67 -0.50
C ARG B 157 15.10 11.89 -1.75
N MET B 158 14.10 11.01 -1.62
CA MET B 158 13.56 10.26 -2.75
C MET B 158 12.89 11.19 -3.77
N LYS B 159 12.09 12.12 -3.25
CA LYS B 159 11.40 13.09 -4.09
C LYS B 159 12.45 13.93 -4.84
N GLU B 160 13.44 14.42 -4.14
CA GLU B 160 14.53 15.20 -4.75
C GLU B 160 15.17 14.44 -5.92
N ALA B 161 15.47 13.17 -5.70
CA ALA B 161 16.11 12.34 -6.68
C ALA B 161 15.20 12.20 -7.93
N PHE B 162 13.93 11.83 -7.72
CA PHE B 162 13.05 11.66 -8.89
C PHE B 162 12.78 12.98 -9.61
N ASP B 163 12.74 14.07 -8.87
CA ASP B 163 12.50 15.38 -9.46
C ASP B 163 13.70 15.76 -10.37
N LEU B 164 14.91 15.50 -9.88
CA LEU B 164 16.13 15.72 -10.65
C LEU B 164 16.17 14.85 -11.93
N LEU B 165 15.74 13.60 -11.80
CA LEU B 165 15.68 12.75 -12.95
C LEU B 165 14.65 13.28 -14.01
N GLY B 166 13.52 13.77 -13.55
CA GLY B 166 12.49 14.31 -14.41
C GLY B 166 13.02 15.59 -15.08
N GLU B 167 13.72 16.41 -14.31
CA GLU B 167 14.38 17.60 -14.85
C GLU B 167 15.39 17.22 -15.94
N TYR B 168 16.11 16.14 -15.71
CA TYR B 168 17.08 15.67 -16.66
C TYR B 168 16.41 15.24 -17.99
N VAL B 169 15.42 14.36 -17.93
CA VAL B 169 14.86 13.88 -19.17
C VAL B 169 14.17 15.02 -19.94
N THR B 170 13.48 15.92 -19.23
CA THR B 170 12.86 17.11 -19.83
C THR B 170 13.92 18.03 -20.49
N SER B 171 15.05 18.30 -19.80
CA SER B 171 16.09 19.15 -20.35
C SER B 171 16.66 18.50 -21.61
N GLN B 172 16.81 17.16 -21.61
CA GLN B 172 17.33 16.49 -22.80
C GLN B 172 16.28 16.30 -23.93
N GLY B 173 15.00 16.53 -23.70
CA GLY B 173 13.97 16.27 -24.70
C GLY B 173 13.69 14.79 -24.93
N TYR B 174 14.02 13.95 -23.96
CA TYR B 174 13.83 12.49 -24.14
C TYR B 174 12.36 12.10 -23.99
N ASP B 175 11.86 11.16 -24.79
CA ASP B 175 10.47 10.69 -24.62
C ASP B 175 10.22 9.71 -23.39
N ILE B 176 11.27 9.24 -22.81
CA ILE B 176 11.24 8.24 -21.77
C ILE B 176 10.40 8.66 -20.52
N ARG B 177 9.70 7.71 -19.88
CA ARG B 177 9.03 7.96 -18.63
C ARG B 177 9.54 6.99 -17.58
N PHE B 178 9.26 7.30 -16.33
CA PHE B 178 9.81 6.55 -15.23
C PHE B 178 8.72 5.69 -14.66
N ALA B 179 9.14 4.53 -14.13
CA ALA B 179 8.19 3.69 -13.42
C ALA B 179 8.82 3.18 -12.14
N ILE B 180 8.11 3.39 -11.03
CA ILE B 180 8.60 2.96 -9.73
C ILE B 180 8.09 1.57 -9.46
N GLU B 181 8.99 0.66 -9.12
CA GLU B 181 8.61 -0.73 -8.85
C GLU B 181 8.62 -0.96 -7.33
N PRO B 182 7.45 -1.19 -6.72
CA PRO B 182 7.44 -1.44 -5.30
C PRO B 182 7.87 -2.84 -4.94
N LYS B 183 8.32 -2.97 -3.70
CA LYS B 183 8.58 -4.25 -3.05
C LYS B 183 8.53 -3.94 -1.54
N PRO B 184 7.89 -4.80 -0.74
CA PRO B 184 7.74 -4.45 0.68
C PRO B 184 8.92 -4.63 1.59
N ASN B 185 9.77 -5.60 1.25
CA ASN B 185 10.91 -5.98 2.04
C ASN B 185 11.82 -6.89 1.19
N GLU B 186 13.05 -7.06 1.63
CA GLU B 186 14.09 -7.93 1.01
C GLU B 186 14.75 -7.24 -0.15
N PRO B 187 16.03 -6.89 -0.06
CA PRO B 187 16.98 -7.29 0.99
C PRO B 187 16.94 -6.38 2.27
N ARG B 188 16.18 -5.28 2.29
CA ARG B 188 16.07 -4.50 3.55
C ARG B 188 14.91 -5.07 4.33
N GLY B 189 14.96 -4.91 5.65
CA GLY B 189 13.92 -5.35 6.58
C GLY B 189 12.57 -4.82 6.24
N ASP B 190 12.50 -3.55 5.88
CA ASP B 190 11.33 -2.90 5.28
C ASP B 190 11.88 -1.94 4.25
N ILE B 191 11.31 -1.98 3.03
CA ILE B 191 11.70 -1.11 1.97
C ILE B 191 10.73 0.06 1.89
N LEU B 192 11.24 1.23 1.50
CA LEU B 192 10.36 2.42 1.36
C LEU B 192 9.51 2.25 0.10
N LEU B 193 8.33 2.85 0.11
CA LEU B 193 7.31 2.72 -0.92
C LEU B 193 7.02 1.24 -1.16
N PRO B 194 6.55 0.57 -0.13
CA PRO B 194 6.47 -0.90 -0.13
C PRO B 194 5.45 -1.56 -1.04
N THR B 195 4.47 -0.81 -1.56
CA THR B 195 3.40 -1.39 -2.37
C THR B 195 3.04 -0.41 -3.45
N VAL B 196 2.18 -0.86 -4.34
CA VAL B 196 1.66 -0.05 -5.42
C VAL B 196 1.01 1.25 -4.90
N GLY B 197 0.24 1.12 -3.82
CA GLY B 197 -0.43 2.28 -3.25
C GLY B 197 0.57 3.34 -2.80
N HIS B 198 1.60 2.90 -2.07
CA HIS B 198 2.58 3.84 -1.52
C HIS B 198 3.35 4.57 -2.66
N ALA B 199 3.70 3.83 -3.69
CA ALA B 199 4.38 4.45 -4.86
C ALA B 199 3.45 5.38 -5.59
N LEU B 200 2.21 4.96 -5.84
CA LEU B 200 1.24 5.86 -6.46
C LEU B 200 1.06 7.16 -5.69
N ALA B 201 0.99 7.08 -4.36
CA ALA B 201 0.79 8.29 -3.52
C ALA B 201 2.00 9.22 -3.57
N PHE B 202 3.16 8.61 -3.49
CA PHE B 202 4.40 9.36 -3.60
C PHE B 202 4.52 10.17 -4.91
N ILE B 203 4.22 9.53 -6.03
CA ILE B 203 4.27 10.19 -7.33
C ILE B 203 3.47 11.51 -7.40
N GLU B 204 2.33 11.56 -6.74
CA GLU B 204 1.52 12.75 -6.77
C GLU B 204 2.16 13.94 -6.07
N ARG B 205 3.23 13.71 -5.34
CA ARG B 205 4.00 14.73 -4.63
CA ARG B 205 3.90 14.80 -4.71
C ARG B 205 5.22 15.18 -5.43
N LEU B 206 5.49 14.56 -6.57
CA LEU B 206 6.64 14.93 -7.38
C LEU B 206 6.34 16.21 -8.17
N GLU B 207 7.38 16.88 -8.62
CA GLU B 207 7.19 18.14 -9.35
C GLU B 207 6.45 17.95 -10.68
N ARG B 208 6.73 16.90 -11.42
CA ARG B 208 6.08 16.63 -12.70
C ARG B 208 5.45 15.23 -12.61
N PRO B 209 4.34 15.08 -11.88
CA PRO B 209 3.79 13.70 -11.67
C PRO B 209 3.46 12.87 -12.94
N GLU B 210 3.14 13.56 -14.03
CA GLU B 210 2.78 12.90 -15.27
C GLU B 210 3.94 12.10 -15.89
N LEU B 211 5.18 12.39 -15.51
CA LEU B 211 6.31 11.59 -16.02
C LEU B 211 6.54 10.24 -15.31
N TYR B 212 5.74 9.95 -14.27
CA TYR B 212 6.03 8.82 -13.37
C TYR B 212 4.80 7.95 -13.23
N GLY B 213 5.01 6.66 -13.39
CA GLY B 213 4.02 5.62 -13.10
C GLY B 213 4.63 4.49 -12.28
N VAL B 214 3.96 3.34 -12.28
CA VAL B 214 4.45 2.21 -11.53
C VAL B 214 4.77 1.06 -12.45
N ASN B 215 5.69 0.23 -11.98
CA ASN B 215 6.00 -1.06 -12.57
C ASN B 215 5.74 -2.13 -11.50
N PRO B 216 4.47 -2.50 -11.28
CA PRO B 216 4.19 -3.44 -10.24
C PRO B 216 4.68 -4.82 -10.61
N GLU B 217 5.03 -5.60 -9.59
CA GLU B 217 5.43 -7.01 -9.78
C GLU B 217 4.49 -7.92 -9.03
N VAL B 218 4.00 -8.96 -9.70
CA VAL B 218 3.07 -9.95 -9.16
C VAL B 218 3.53 -10.41 -7.78
N GLY B 219 4.74 -10.90 -7.70
CA GLY B 219 5.22 -11.45 -6.46
C GLY B 219 5.39 -10.44 -5.34
N HIS B 220 5.77 -9.19 -5.66
CA HIS B 220 6.04 -8.20 -4.65
C HIS B 220 4.76 -7.81 -3.90
N GLU B 221 3.67 -7.59 -4.63
CA GLU B 221 2.42 -7.26 -3.93
C GLU B 221 1.97 -8.46 -3.10
N GLN B 222 2.21 -9.67 -3.63
CA GLN B 222 1.89 -10.90 -2.88
C GLN B 222 2.72 -11.12 -1.64
N MET B 223 3.94 -10.58 -1.61
CA MET B 223 4.75 -10.62 -0.42
C MET B 223 4.15 -9.80 0.77
N ALA B 224 3.22 -8.88 0.49
CA ALA B 224 2.42 -8.18 1.51
C ALA B 224 1.07 -8.78 1.64
N GLY B 225 0.87 -9.92 1.01
CA GLY B 225 -0.43 -10.61 1.10
C GLY B 225 -1.56 -9.87 0.37
N LEU B 226 -1.21 -9.04 -0.61
CA LEU B 226 -2.20 -8.19 -1.26
C LEU B 226 -2.69 -8.88 -2.53
N ASN B 227 -3.84 -8.42 -2.99
CA ASN B 227 -4.45 -8.85 -4.24
C ASN B 227 -3.82 -8.13 -5.45
N PHE B 228 -3.07 -8.88 -6.27
CA PHE B 228 -2.31 -8.22 -7.33
C PHE B 228 -3.23 -7.65 -8.40
N PRO B 229 -4.23 -8.42 -8.84
CA PRO B 229 -5.17 -7.80 -9.79
C PRO B 229 -5.85 -6.55 -9.29
N HIS B 230 -6.20 -6.52 -8.02
CA HIS B 230 -6.74 -5.28 -7.41
C HIS B 230 -5.77 -4.10 -7.48
N GLY B 231 -4.52 -4.35 -7.12
CA GLY B 231 -3.45 -3.38 -7.26
C GLY B 231 -3.26 -2.84 -8.66
N ILE B 232 -3.28 -3.74 -9.62
CA ILE B 232 -3.19 -3.35 -11.02
C ILE B 232 -4.38 -2.51 -11.42
N ALA B 233 -5.57 -2.91 -10.99
CA ALA B 233 -6.79 -2.10 -11.30
C ALA B 233 -6.61 -0.70 -10.76
N GLN B 234 -6.08 -0.55 -9.54
CA GLN B 234 -5.92 0.82 -9.00
C GLN B 234 -4.89 1.61 -9.85
N ALA B 235 -3.79 0.98 -10.23
CA ALA B 235 -2.81 1.63 -11.11
C ALA B 235 -3.44 2.05 -12.47
N LEU B 236 -4.21 1.15 -13.07
CA LEU B 236 -4.92 1.49 -14.33
C LEU B 236 -5.94 2.62 -14.13
N TRP B 237 -6.66 2.58 -13.02
CA TRP B 237 -7.63 3.62 -12.72
C TRP B 237 -6.94 4.99 -12.63
N ALA B 238 -5.76 5.03 -12.06
CA ALA B 238 -5.01 6.26 -11.97
C ALA B 238 -4.27 6.69 -13.23
N GLY B 239 -4.30 5.89 -14.29
CA GLY B 239 -3.51 6.16 -15.50
C GLY B 239 -2.02 5.93 -15.33
N LYS B 240 -1.62 4.98 -14.49
CA LYS B 240 -0.22 4.87 -14.10
C LYS B 240 0.45 3.52 -14.35
N LEU B 241 -0.21 2.63 -15.06
CA LEU B 241 0.37 1.33 -15.33
C LEU B 241 1.28 1.46 -16.56
N PHE B 242 2.49 1.95 -16.32
CA PHE B 242 3.46 2.16 -17.41
C PHE B 242 4.18 0.88 -17.86
N HIS B 243 4.22 -0.12 -17.00
CA HIS B 243 5.03 -1.33 -17.23
C HIS B 243 4.58 -2.31 -16.17
N ILE B 244 4.88 -3.58 -16.38
CA ILE B 244 4.49 -4.61 -15.38
C ILE B 244 5.55 -5.70 -15.38
N ASP B 245 5.80 -6.29 -14.23
CA ASP B 245 6.63 -7.48 -14.08
C ASP B 245 5.73 -8.63 -13.77
N LEU B 246 5.80 -9.68 -14.60
CA LEU B 246 5.02 -10.87 -14.47
C LEU B 246 5.88 -12.00 -13.95
N ASN B 247 5.39 -12.71 -12.93
CA ASN B 247 6.11 -13.90 -12.40
C ASN B 247 5.13 -14.59 -11.47
N GLY B 248 5.64 -15.50 -10.66
CA GLY B 248 4.85 -16.23 -9.67
C GLY B 248 5.46 -16.25 -8.27
N GLN B 249 4.59 -16.31 -7.27
CA GLN B 249 5.01 -16.31 -5.89
C GLN B 249 4.03 -17.14 -5.09
N ASN B 250 4.53 -17.91 -4.13
CA ASN B 250 3.63 -18.70 -3.25
C ASN B 250 3.53 -18.06 -1.93
N GLY B 251 2.65 -17.08 -1.84
CA GLY B 251 2.42 -16.36 -0.59
C GLY B 251 3.47 -15.47 0.04
N ILE B 252 3.43 -15.40 1.38
CA ILE B 252 4.20 -14.38 2.08
C ILE B 252 5.49 -15.07 2.50
N LYS B 253 6.56 -14.77 1.77
CA LYS B 253 7.87 -15.28 2.09
C LYS B 253 8.83 -14.46 1.25
N TYR B 254 10.08 -14.89 1.21
CA TYR B 254 11.10 -14.32 0.36
C TYR B 254 10.61 -14.27 -1.08
N ASP B 255 11.21 -13.38 -1.85
CA ASP B 255 10.85 -13.14 -3.24
C ASP B 255 11.27 -14.33 -4.06
N GLN B 256 10.29 -15.08 -4.51
CA GLN B 256 10.56 -16.29 -5.27
C GLN B 256 10.85 -16.16 -6.72
N ASP B 257 10.18 -15.22 -7.39
CA ASP B 257 10.45 -14.99 -8.81
C ASP B 257 10.26 -16.27 -9.62
N LEU B 258 9.18 -17.00 -9.35
CA LEU B 258 8.87 -18.19 -10.13
C LEU B 258 8.38 -17.74 -11.52
N ARG B 259 8.44 -18.66 -12.48
CA ARG B 259 7.89 -18.36 -13.80
C ARG B 259 6.40 -17.91 -13.74
N PHE B 260 6.01 -17.05 -14.65
CA PHE B 260 4.60 -16.63 -14.71
C PHE B 260 3.67 -17.83 -14.96
N GLY B 261 2.60 -17.86 -14.17
CA GLY B 261 1.67 -18.96 -14.15
C GLY B 261 1.80 -19.80 -12.92
N ALA B 262 3.04 -19.95 -12.44
CA ALA B 262 3.29 -20.69 -11.22
C ALA B 262 2.95 -19.77 -10.05
N GLY B 263 2.92 -20.31 -8.87
CA GLY B 263 2.43 -19.55 -7.76
C GLY B 263 0.91 -19.48 -7.74
N ASP B 264 0.37 -18.27 -7.56
CA ASP B 264 -1.09 -18.12 -7.46
C ASP B 264 -1.68 -18.08 -8.89
N LEU B 265 -2.10 -19.27 -9.33
CA LEU B 265 -2.64 -19.43 -10.68
C LEU B 265 -3.94 -18.64 -10.90
N ARG B 266 -4.87 -18.64 -9.95
CA ARG B 266 -6.06 -17.87 -10.15
C ARG B 266 -5.81 -16.38 -10.26
N ALA B 267 -4.88 -15.86 -9.44
CA ALA B 267 -4.54 -14.46 -9.54
C ALA B 267 -3.95 -14.16 -10.92
N ALA B 268 -3.18 -15.09 -11.48
CA ALA B 268 -2.61 -14.97 -12.82
C ALA B 268 -3.76 -14.93 -13.86
N PHE B 269 -4.75 -15.80 -13.70
CA PHE B 269 -5.95 -15.71 -14.52
C PHE B 269 -6.65 -14.35 -14.45
N TRP B 270 -6.95 -13.86 -13.25
CA TRP B 270 -7.64 -12.60 -13.09
C TRP B 270 -6.77 -11.42 -13.53
N LEU B 271 -5.45 -11.56 -13.46
CA LEU B 271 -4.55 -10.51 -13.98
C LEU B 271 -4.66 -10.41 -15.50
N VAL B 272 -4.59 -11.53 -16.17
CA VAL B 272 -4.62 -11.59 -17.65
C VAL B 272 -5.97 -11.05 -18.16
N ASP B 273 -7.04 -11.48 -17.51
CA ASP B 273 -8.37 -10.95 -17.81
C ASP B 273 -8.42 -9.42 -17.73
N LEU B 274 -7.89 -8.86 -16.64
CA LEU B 274 -7.84 -7.44 -16.46
C LEU B 274 -6.94 -6.74 -17.52
N LEU B 275 -5.73 -7.22 -17.74
CA LEU B 275 -4.82 -6.57 -18.69
C LEU B 275 -5.46 -6.56 -20.11
N GLU B 276 -6.02 -7.69 -20.47
CA GLU B 276 -6.58 -7.85 -21.80
C GLU B 276 -7.88 -7.07 -21.91
N SER B 277 -8.76 -7.08 -20.91
CA SER B 277 -9.97 -6.26 -20.89
C SER B 277 -9.71 -4.80 -20.97
N ALA B 278 -8.64 -4.36 -20.32
CA ALA B 278 -8.29 -2.97 -20.22
C ALA B 278 -7.52 -2.51 -21.45
N GLY B 279 -7.14 -3.42 -22.37
CA GLY B 279 -6.33 -3.06 -23.51
C GLY B 279 -4.96 -2.53 -23.11
N TYR B 280 -4.35 -3.08 -22.03
CA TYR B 280 -3.03 -2.66 -21.61
C TYR B 280 -2.11 -2.85 -22.81
N SER B 281 -1.36 -1.84 -23.20
CA SER B 281 -0.59 -1.98 -24.45
C SER B 281 0.94 -2.03 -24.19
N GLY B 282 1.34 -2.00 -22.94
CA GLY B 282 2.74 -2.03 -22.62
C GLY B 282 3.34 -3.44 -22.73
N PRO B 283 4.64 -3.55 -22.45
CA PRO B 283 5.28 -4.85 -22.42
C PRO B 283 4.69 -5.82 -21.38
N ARG B 284 4.65 -7.09 -21.75
CA ARG B 284 4.35 -8.19 -20.83
C ARG B 284 5.74 -8.72 -20.41
N HIS B 285 6.32 -8.09 -19.39
CA HIS B 285 7.69 -8.34 -19.00
C HIS B 285 7.74 -9.36 -17.91
N PHE B 286 8.59 -10.35 -18.10
CA PHE B 286 8.81 -11.37 -17.08
C PHE B 286 10.01 -11.07 -16.26
N ASP B 287 9.76 -10.81 -14.97
CA ASP B 287 10.85 -10.76 -13.99
C ASP B 287 10.81 -12.04 -13.15
N PHE B 288 11.53 -13.06 -13.61
CA PHE B 288 11.53 -14.39 -12.97
C PHE B 288 12.98 -14.94 -12.92
N LYS B 289 13.17 -15.96 -12.14
CA LYS B 289 14.45 -16.69 -12.08
C LYS B 289 14.20 -18.17 -12.30
N PRO B 290 14.73 -18.73 -13.37
CA PRO B 290 14.66 -20.18 -13.38
C PRO B 290 15.30 -20.72 -12.12
N PRO B 291 14.62 -21.63 -11.44
CA PRO B 291 15.19 -22.17 -10.21
C PRO B 291 16.55 -22.74 -10.38
N ARG B 292 17.35 -22.64 -9.33
CA ARG B 292 18.79 -23.00 -9.49
C ARG B 292 19.04 -24.48 -9.68
N THR B 293 18.00 -25.27 -9.40
CA THR B 293 17.95 -26.70 -9.76
C THR B 293 18.18 -26.97 -11.24
N GLU B 294 17.91 -25.98 -12.08
CA GLU B 294 17.85 -26.15 -13.52
C GLU B 294 19.20 -25.88 -14.20
N ASP B 295 19.43 -26.62 -15.28
CA ASP B 295 20.52 -26.28 -16.22
C ASP B 295 20.00 -25.33 -17.32
N PHE B 296 20.87 -24.97 -18.27
CA PHE B 296 20.47 -24.14 -19.36
C PHE B 296 19.29 -24.66 -20.12
N ASP B 297 19.12 -25.97 -20.34
CA ASP B 297 17.91 -26.39 -21.03
C ASP B 297 16.65 -26.04 -20.17
N GLY B 298 16.78 -26.12 -18.85
CA GLY B 298 15.63 -25.76 -18.00
C GLY B 298 15.34 -24.29 -17.93
N VAL B 299 16.42 -23.48 -18.07
CA VAL B 299 16.32 -22.04 -18.19
C VAL B 299 15.33 -21.69 -19.35
N TRP B 300 15.56 -22.32 -20.52
CA TRP B 300 14.74 -22.04 -21.68
C TRP B 300 13.35 -22.59 -21.56
N ALA B 301 13.19 -23.75 -20.97
CA ALA B 301 11.90 -24.28 -20.71
C ALA B 301 11.05 -23.36 -19.79
N SER B 302 11.64 -22.84 -18.73
CA SER B 302 10.98 -21.97 -17.81
C SER B 302 10.56 -20.65 -18.44
N ALA B 303 11.47 -20.05 -19.22
CA ALA B 303 11.13 -18.85 -19.97
C ALA B 303 10.01 -19.01 -21.02
N ALA B 304 10.01 -20.13 -21.72
CA ALA B 304 8.95 -20.46 -22.64
C ALA B 304 7.62 -20.64 -21.90
N GLY B 305 7.68 -21.22 -20.71
CA GLY B 305 6.57 -21.48 -19.86
C GLY B 305 5.87 -20.19 -19.47
N CYS B 306 6.63 -19.16 -19.13
CA CYS B 306 6.12 -17.82 -18.86
C CYS B 306 5.16 -17.33 -19.94
N MET B 307 5.61 -17.40 -21.19
CA MET B 307 4.87 -16.91 -22.34
C MET B 307 3.69 -17.81 -22.60
N ARG B 308 3.88 -19.12 -22.44
CA ARG B 308 2.81 -20.08 -22.75
C ARG B 308 1.67 -19.92 -21.79
N ASN B 309 1.98 -19.81 -20.49
CA ASN B 309 0.95 -19.54 -19.50
C ASN B 309 0.18 -18.25 -19.76
N TYR B 310 0.87 -17.16 -20.07
CA TYR B 310 0.11 -15.98 -20.42
C TYR B 310 -0.91 -16.28 -21.55
N LEU B 311 -0.47 -16.92 -22.59
CA LEU B 311 -1.38 -17.18 -23.73
C LEU B 311 -2.54 -18.13 -23.44
N ILE B 312 -2.28 -19.20 -22.65
CA ILE B 312 -3.33 -20.10 -22.26
C ILE B 312 -4.33 -19.29 -21.45
N LEU B 313 -3.86 -18.55 -20.47
CA LEU B 313 -4.79 -17.77 -19.61
C LEU B 313 -5.58 -16.72 -20.38
N LYS B 314 -4.96 -16.11 -21.35
CA LYS B 314 -5.64 -15.19 -22.29
C LYS B 314 -6.80 -15.84 -23.01
N GLU B 315 -6.57 -17.05 -23.51
CA GLU B 315 -7.62 -17.78 -24.20
C GLU B 315 -8.78 -18.14 -23.23
N ARG B 316 -8.42 -18.54 -22.00
CA ARG B 316 -9.43 -18.96 -21.03
C ARG B 316 -10.24 -17.76 -20.56
N ALA B 317 -9.57 -16.64 -20.29
CA ALA B 317 -10.28 -15.42 -19.91
C ALA B 317 -11.24 -14.95 -21.02
N ALA B 318 -10.76 -15.01 -22.24
CA ALA B 318 -11.60 -14.67 -23.39
C ALA B 318 -12.85 -15.60 -23.53
N ALA B 319 -12.65 -16.91 -23.34
CA ALA B 319 -13.78 -17.83 -23.37
C ALA B 319 -14.75 -17.59 -22.21
N PHE B 320 -14.22 -17.26 -21.02
CA PHE B 320 -15.06 -16.88 -19.92
C PHE B 320 -15.94 -15.67 -20.27
N ARG B 321 -15.32 -14.61 -20.76
CA ARG B 321 -16.06 -13.39 -21.07
C ARG B 321 -17.09 -13.52 -22.22
N ALA B 322 -16.84 -14.45 -23.13
CA ALA B 322 -17.74 -14.72 -24.25
C ALA B 322 -18.87 -15.69 -23.92
N ASP B 323 -18.81 -16.40 -22.79
CA ASP B 323 -19.77 -17.48 -22.54
C ASP B 323 -21.14 -16.80 -22.24
N PRO B 324 -22.19 -17.22 -22.93
CA PRO B 324 -23.54 -16.61 -22.63
C PRO B 324 -23.97 -16.86 -21.21
N GLU B 325 -23.61 -18.00 -20.62
CA GLU B 325 -23.95 -18.22 -19.19
C GLU B 325 -23.25 -17.23 -18.24
N VAL B 326 -22.00 -16.92 -18.54
CA VAL B 326 -21.21 -15.94 -17.78
C VAL B 326 -21.82 -14.57 -17.94
N GLN B 327 -22.21 -14.20 -19.15
CA GLN B 327 -22.90 -12.89 -19.35
C GLN B 327 -24.19 -12.78 -18.54
N GLU B 328 -25.00 -13.82 -18.54
CA GLU B 328 -26.18 -13.81 -17.71
C GLU B 328 -25.80 -13.73 -16.25
N ALA B 329 -24.74 -14.47 -15.88
CA ALA B 329 -24.22 -14.49 -14.47
C ALA B 329 -23.76 -13.06 -14.06
N LEU B 330 -23.06 -12.34 -14.96
CA LEU B 330 -22.61 -11.01 -14.70
C LEU B 330 -23.82 -10.08 -14.46
N ARG B 331 -24.87 -10.26 -15.25
CA ARG B 331 -26.09 -9.50 -15.00
C ARG B 331 -26.78 -9.87 -13.71
N ALA B 332 -26.83 -11.18 -13.38
CA ALA B 332 -27.44 -11.62 -12.12
C ALA B 332 -26.69 -11.06 -10.93
N SER B 333 -25.36 -10.85 -11.07
CA SER B 333 -24.50 -10.31 -10.02
C SER B 333 -24.39 -8.77 -10.01
N ARG B 334 -25.01 -8.13 -10.97
CA ARG B 334 -25.16 -6.63 -11.03
C ARG B 334 -23.84 -5.96 -11.23
N LEU B 335 -22.93 -6.64 -11.91
CA LEU B 335 -21.69 -5.97 -12.29
C LEU B 335 -21.96 -4.72 -13.19
N ASP B 336 -22.92 -4.86 -14.07
CA ASP B 336 -23.35 -3.71 -14.89
C ASP B 336 -23.82 -2.49 -14.04
N GLU B 337 -24.53 -2.71 -12.94
CA GLU B 337 -24.92 -1.62 -12.04
C GLU B 337 -23.75 -0.94 -11.33
N LEU B 338 -22.71 -1.71 -10.98
CA LEU B 338 -21.50 -1.15 -10.40
C LEU B 338 -20.80 -0.12 -11.29
N ALA B 339 -20.92 -0.32 -12.60
CA ALA B 339 -20.29 0.49 -13.61
C ALA B 339 -21.03 1.80 -13.79
N ARG B 340 -22.26 1.90 -13.26
CA ARG B 340 -23.06 3.11 -13.44
CA ARG B 340 -23.12 3.09 -13.41
C ARG B 340 -23.02 4.01 -12.22
N PRO B 341 -23.27 5.32 -12.46
CA PRO B 341 -23.15 6.19 -11.29
C PRO B 341 -24.12 5.92 -10.16
N THR B 342 -23.64 6.17 -8.95
CA THR B 342 -24.46 6.15 -7.74
C THR B 342 -25.50 7.24 -7.73
N ALA B 343 -25.09 8.43 -8.15
CA ALA B 343 -25.95 9.60 -7.98
C ALA B 343 -25.53 10.65 -8.97
N ALA B 344 -25.63 10.32 -10.23
CA ALA B 344 -25.47 11.31 -11.25
C ALA B 344 -26.64 12.34 -11.27
N ASP B 345 -27.73 12.10 -10.56
CA ASP B 345 -28.80 13.08 -10.32
C ASP B 345 -28.30 14.19 -9.40
N GLY B 346 -27.16 13.94 -8.72
CA GLY B 346 -26.45 14.93 -7.95
C GLY B 346 -26.86 14.96 -6.48
N LEU B 347 -26.09 15.70 -5.68
CA LEU B 347 -26.22 15.65 -4.21
C LEU B 347 -27.60 16.05 -3.74
N GLN B 348 -28.16 17.13 -4.29
CA GLN B 348 -29.44 17.63 -3.77
C GLN B 348 -30.58 16.63 -4.04
N ALA B 349 -30.61 16.06 -5.23
CA ALA B 349 -31.58 15.03 -5.63
C ALA B 349 -31.44 13.78 -4.73
N LEU B 350 -30.19 13.37 -4.43
CA LEU B 350 -29.96 12.26 -3.51
C LEU B 350 -30.55 12.53 -2.12
N LEU B 351 -30.26 13.70 -1.60
CA LEU B 351 -30.71 14.15 -0.29
C LEU B 351 -32.24 14.22 -0.27
N ASP B 352 -32.86 14.50 -1.41
CA ASP B 352 -34.30 14.62 -1.48
C ASP B 352 -34.97 13.29 -1.84
N ASP B 353 -34.19 12.26 -2.14
CA ASP B 353 -34.77 11.00 -2.63
C ASP B 353 -35.13 10.09 -1.46
N ARG B 354 -36.43 10.06 -1.15
CA ARG B 354 -36.93 9.17 -0.10
C ARG B 354 -36.64 7.68 -0.29
N SER B 355 -36.56 7.22 -1.53
CA SER B 355 -36.23 5.84 -1.83
C SER B 355 -34.79 5.43 -1.50
N ALA B 356 -33.95 6.43 -1.26
CA ALA B 356 -32.61 6.23 -0.83
C ALA B 356 -32.51 6.15 0.69
N PHE B 357 -33.60 6.34 1.43
CA PHE B 357 -33.42 6.39 2.88
C PHE B 357 -34.69 5.99 3.64
N GLU B 358 -35.61 6.92 3.93
CA GLU B 358 -36.85 6.58 4.70
C GLU B 358 -37.66 5.49 4.07
N GLU B 359 -37.79 5.51 2.75
CA GLU B 359 -38.59 4.54 2.06
C GLU B 359 -37.73 3.45 1.37
N PHE B 360 -36.46 3.27 1.77
CA PHE B 360 -35.66 2.19 1.16
C PHE B 360 -35.94 0.87 1.86
N ASP B 361 -36.33 -0.15 1.12
CA ASP B 361 -36.69 -1.42 1.75
C ASP B 361 -35.40 -2.21 1.94
N VAL B 362 -34.77 -1.96 3.06
CA VAL B 362 -33.47 -2.45 3.37
C VAL B 362 -33.48 -4.00 3.55
N ASP B 363 -34.56 -4.57 4.08
CA ASP B 363 -34.67 -6.02 4.14
C ASP B 363 -34.80 -6.69 2.79
N ALA B 364 -35.52 -6.08 1.84
CA ALA B 364 -35.63 -6.70 0.55
C ALA B 364 -34.28 -6.67 -0.18
N ALA B 365 -33.57 -5.55 -0.08
CA ALA B 365 -32.24 -5.47 -0.72
C ALA B 365 -31.30 -6.47 -0.08
N ALA B 366 -31.35 -6.58 1.24
CA ALA B 366 -30.46 -7.46 1.98
C ALA B 366 -30.68 -8.90 1.56
N ALA B 367 -31.95 -9.27 1.37
CA ALA B 367 -32.32 -10.65 0.99
C ALA B 367 -31.84 -11.08 -0.41
N ARG B 368 -31.56 -10.13 -1.31
CA ARG B 368 -31.23 -10.43 -2.71
C ARG B 368 -29.78 -10.98 -2.67
N GLY B 369 -29.61 -12.21 -3.03
CA GLY B 369 -28.23 -12.82 -3.19
C GLY B 369 -27.46 -12.14 -4.27
N MET B 370 -26.14 -12.09 -4.14
CA MET B 370 -25.26 -11.54 -5.16
C MET B 370 -24.91 -12.51 -6.31
N ALA B 371 -25.09 -13.79 -6.07
CA ALA B 371 -24.83 -14.84 -7.01
C ALA B 371 -23.35 -14.92 -7.43
N PHE B 372 -22.45 -14.53 -6.53
CA PHE B 372 -21.04 -14.51 -6.86
C PHE B 372 -20.37 -15.86 -7.01
N GLU B 373 -20.88 -16.85 -6.31
CA GLU B 373 -20.31 -18.18 -6.30
C GLU B 373 -20.58 -18.89 -7.63
N ARG B 374 -21.78 -18.73 -8.14
CA ARG B 374 -22.07 -19.28 -9.45
C ARG B 374 -21.17 -18.68 -10.51
N LEU B 375 -21.10 -17.36 -10.48
CA LEU B 375 -20.22 -16.64 -11.39
C LEU B 375 -18.75 -17.15 -11.29
N ASP B 376 -18.26 -17.27 -10.06
CA ASP B 376 -16.91 -17.70 -9.86
C ASP B 376 -16.68 -19.15 -10.27
N GLN B 377 -17.71 -19.98 -10.14
CA GLN B 377 -17.56 -21.35 -10.60
C GLN B 377 -17.53 -21.43 -12.13
N LEU B 378 -18.31 -20.58 -12.81
CA LEU B 378 -18.19 -20.48 -14.27
C LEU B 378 -16.78 -20.03 -14.68
N ALA B 379 -16.17 -19.14 -13.86
CA ALA B 379 -14.80 -18.70 -14.12
C ALA B 379 -13.82 -19.86 -13.94
N MET B 380 -14.01 -20.65 -12.90
CA MET B 380 -13.16 -21.82 -12.65
C MET B 380 -13.26 -22.83 -13.80
N ASP B 381 -14.51 -23.11 -14.18
CA ASP B 381 -14.77 -24.04 -15.26
C ASP B 381 -13.98 -23.59 -16.48
N HIS B 382 -14.04 -22.30 -16.78
CA HIS B 382 -13.39 -21.81 -17.97
C HIS B 382 -11.86 -21.92 -17.84
N LEU B 383 -11.33 -21.54 -16.70
CA LEU B 383 -9.89 -21.61 -16.45
C LEU B 383 -9.33 -23.03 -16.62
N LEU B 384 -10.08 -23.99 -16.09
CA LEU B 384 -9.70 -25.40 -16.14
C LEU B 384 -10.05 -26.10 -17.47
N GLY B 385 -10.67 -25.42 -18.40
CA GLY B 385 -11.07 -26.02 -19.65
C GLY B 385 -12.17 -27.02 -19.53
N ALA B 386 -12.98 -26.95 -18.47
CA ALA B 386 -14.13 -27.83 -18.33
C ALA B 386 -15.33 -27.22 -19.09
N ARG B 387 -15.23 -25.93 -19.44
CA ARG B 387 -16.04 -25.30 -20.48
C ARG B 387 -15.10 -24.69 -21.53
N GLY B 388 -15.48 -24.80 -22.80
CA GLY B 388 -14.64 -24.35 -23.96
C GLY B 388 -15.07 -22.96 -24.42
#